data_2QZF
# 
_entry.id   2QZF 
# 
_audit_conform.dict_name       mmcif_pdbx.dic 
_audit_conform.dict_version    5.398 
_audit_conform.dict_location   http://mmcif.pdb.org/dictionaries/ascii/mmcif_pdbx.dic 
# 
loop_
_database_2.database_id 
_database_2.database_code 
_database_2.pdbx_database_accession 
_database_2.pdbx_DOI 
PDB   2QZF         pdb_00002qzf 10.2210/pdb2qzf/pdb 
RCSB  RCSB044237   ?            ?                   
WWPDB D_1000044237 ?            ?                   
# 
loop_
_pdbx_audit_revision_history.ordinal 
_pdbx_audit_revision_history.data_content_type 
_pdbx_audit_revision_history.major_revision 
_pdbx_audit_revision_history.minor_revision 
_pdbx_audit_revision_history.revision_date 
1 'Structure model' 1 0 2007-10-30 
2 'Structure model' 1 1 2011-07-13 
3 'Structure model' 1 2 2012-05-30 
4 'Structure model' 1 3 2018-07-18 
5 'Structure model' 1 4 2024-11-06 
# 
_pdbx_audit_revision_details.ordinal             1 
_pdbx_audit_revision_details.revision_ordinal    1 
_pdbx_audit_revision_details.data_content_type   'Structure model' 
_pdbx_audit_revision_details.provider            repository 
_pdbx_audit_revision_details.type                'Initial release' 
_pdbx_audit_revision_details.description         ? 
_pdbx_audit_revision_details.details             ? 
# 
loop_
_pdbx_audit_revision_group.ordinal 
_pdbx_audit_revision_group.revision_ordinal 
_pdbx_audit_revision_group.data_content_type 
_pdbx_audit_revision_group.group 
1 2 'Structure model' 'Version format compliance' 
2 3 'Structure model' 'Refinement description'    
3 4 'Structure model' 'Data collection'           
4 5 'Structure model' 'Data collection'           
5 5 'Structure model' 'Database references'       
6 5 'Structure model' 'Refinement description'    
7 5 'Structure model' 'Structure summary'         
# 
loop_
_pdbx_audit_revision_category.ordinal 
_pdbx_audit_revision_category.revision_ordinal 
_pdbx_audit_revision_category.data_content_type 
_pdbx_audit_revision_category.category 
1  4 'Structure model' em_image_scans                
2  4 'Structure model' em_software                   
3  5 'Structure model' chem_comp_atom                
4  5 'Structure model' chem_comp_bond                
5  5 'Structure model' database_2                    
6  5 'Structure model' em_3d_fitting_list            
7  5 'Structure model' pdbx_entry_details            
8  5 'Structure model' pdbx_initial_refinement_model 
9  5 'Structure model' pdbx_modification_feature     
10 5 'Structure model' struct_ref_seq_dif            
# 
loop_
_pdbx_audit_revision_item.ordinal 
_pdbx_audit_revision_item.revision_ordinal 
_pdbx_audit_revision_item.data_content_type 
_pdbx_audit_revision_item.item 
1 4 'Structure model' '_em_software.image_processing_id'                
2 5 'Structure model' '_database_2.pdbx_DOI'                            
3 5 'Structure model' '_database_2.pdbx_database_accession'             
4 5 'Structure model' '_em_3d_fitting_list.accession_code'              
5 5 'Structure model' '_em_3d_fitting_list.initial_refinement_model_id' 
6 5 'Structure model' '_em_3d_fitting_list.source_name'                 
7 5 'Structure model' '_em_3d_fitting_list.type'                        
8 5 'Structure model' '_struct_ref_seq_dif.details'                     
# 
_pdbx_database_status.status_code                     REL 
_pdbx_database_status.entry_id                        2QZF 
_pdbx_database_status.recvd_initial_deposition_date   2007-08-16 
_pdbx_database_status.deposit_site                    RCSB 
_pdbx_database_status.process_site                    RCSB 
_pdbx_database_status.status_code_sf                  ? 
_pdbx_database_status.status_code_mr                  ? 
_pdbx_database_status.SG_entry                        ? 
_pdbx_database_status.status_code_cs                  ? 
_pdbx_database_status.methods_development_category    ? 
_pdbx_database_status.pdb_format_compatible           Y 
_pdbx_database_status.status_code_nmr_data            ? 
# 
_pdbx_database_related.db_name        EMDB 
_pdbx_database_related.db_id          EMD-1412 
_pdbx_database_related.details        . 
_pdbx_database_related.content_type   'associated EM volume' 
# 
loop_
_audit_author.name 
_audit_author.pdbx_ordinal 
'Hafenstein, S.'    1 
'Bowman, V.D.'      2 
'Chipman, P.R.'     3 
'Bator Kelly, C.M.' 4 
'Lin, F.'           5 
'Medof, M.E.'       6 
'Rossmann, M.G.'    7 
# 
_citation.id                        primary 
_citation.title                     'Interaction of decay-accelerating factor with coxsackievirus b3.' 
_citation.journal_abbrev            J.Virol. 
_citation.journal_volume            81 
_citation.page_first                12927 
_citation.page_last                 12935 
_citation.year                      2007 
_citation.journal_id_ASTM           JOVIAM 
_citation.country                   US 
_citation.journal_id_ISSN           0022-538X 
_citation.journal_id_CSD            0825 
_citation.book_publisher            ? 
_citation.pdbx_database_id_PubMed   17804498 
_citation.pdbx_database_id_DOI      10.1128/JVI.00931-07 
# 
loop_
_citation_author.citation_id 
_citation_author.name 
_citation_author.ordinal 
_citation_author.identifier_ORCID 
primary 'Hafenstein, S.' 1 ? 
primary 'Bowman, V.D.'   2 ? 
primary 'Chipman, P.R.'  3 ? 
primary 'Kelly, C.M.'    4 ? 
primary 'Lin, F.'        5 ? 
primary 'Medof, M.E.'    6 ? 
primary 'Rossmann, M.G.' 7 ? 
# 
_entity.id                         1 
_entity.type                       polymer 
_entity.src_method                 man 
_entity.pdbx_description           'Complement decay-accelerating factor' 
_entity.formula_weight             6884.702 
_entity.pdbx_number_of_molecules   1 
_entity.pdbx_ec                    ? 
_entity.pdbx_mutation              ? 
_entity.pdbx_fragment              'SCR1 domain' 
_entity.details                    ? 
# 
_entity_name_com.entity_id   1 
_entity_name_com.name        'CD55 antigen' 
# 
_entity_poly.entity_id                      1 
_entity_poly.type                           'polypeptide(L)' 
_entity_poly.nstd_linkage                   no 
_entity_poly.nstd_monomer                   no 
_entity_poly.pdbx_seq_one_letter_code       MQDCGLPPDVPNAQPALEGRTSFPEDTVITYKCEESFVKIPGEKDSVICLKGSQWSDIEEFC 
_entity_poly.pdbx_seq_one_letter_code_can   MQDCGLPPDVPNAQPALEGRTSFPEDTVITYKCEESFVKIPGEKDSVICLKGSQWSDIEEFC 
_entity_poly.pdbx_strand_id                 A 
_entity_poly.pdbx_target_identifier         ? 
# 
loop_
_entity_poly_seq.entity_id 
_entity_poly_seq.num 
_entity_poly_seq.mon_id 
_entity_poly_seq.hetero 
1 1  MET n 
1 2  GLN n 
1 3  ASP n 
1 4  CYS n 
1 5  GLY n 
1 6  LEU n 
1 7  PRO n 
1 8  PRO n 
1 9  ASP n 
1 10 VAL n 
1 11 PRO n 
1 12 ASN n 
1 13 ALA n 
1 14 GLN n 
1 15 PRO n 
1 16 ALA n 
1 17 LEU n 
1 18 GLU n 
1 19 GLY n 
1 20 ARG n 
1 21 THR n 
1 22 SER n 
1 23 PHE n 
1 24 PRO n 
1 25 GLU n 
1 26 ASP n 
1 27 THR n 
1 28 VAL n 
1 29 ILE n 
1 30 THR n 
1 31 TYR n 
1 32 LYS n 
1 33 CYS n 
1 34 GLU n 
1 35 GLU n 
1 36 SER n 
1 37 PHE n 
1 38 VAL n 
1 39 LYS n 
1 40 ILE n 
1 41 PRO n 
1 42 GLY n 
1 43 GLU n 
1 44 LYS n 
1 45 ASP n 
1 46 SER n 
1 47 VAL n 
1 48 ILE n 
1 49 CYS n 
1 50 LEU n 
1 51 LYS n 
1 52 GLY n 
1 53 SER n 
1 54 GLN n 
1 55 TRP n 
1 56 SER n 
1 57 ASP n 
1 58 ILE n 
1 59 GLU n 
1 60 GLU n 
1 61 PHE n 
1 62 CYS n 
# 
_entity_src_gen.entity_id                          1 
_entity_src_gen.pdbx_src_id                        1 
_entity_src_gen.pdbx_alt_source_flag               sample 
_entity_src_gen.pdbx_seq_type                      ? 
_entity_src_gen.pdbx_beg_seq_num                   ? 
_entity_src_gen.pdbx_end_seq_num                   ? 
_entity_src_gen.gene_src_common_name               human 
_entity_src_gen.gene_src_genus                     Homo 
_entity_src_gen.pdbx_gene_src_gene                 ? 
_entity_src_gen.gene_src_species                   ? 
_entity_src_gen.gene_src_strain                    ? 
_entity_src_gen.gene_src_tissue                    ? 
_entity_src_gen.gene_src_tissue_fraction           ? 
_entity_src_gen.gene_src_details                   ? 
_entity_src_gen.pdbx_gene_src_fragment             ? 
_entity_src_gen.pdbx_gene_src_scientific_name      'Homo sapiens' 
_entity_src_gen.pdbx_gene_src_ncbi_taxonomy_id     9606 
_entity_src_gen.pdbx_gene_src_variant              ? 
_entity_src_gen.pdbx_gene_src_cell_line            ? 
_entity_src_gen.pdbx_gene_src_atcc                 ? 
_entity_src_gen.pdbx_gene_src_organ                ? 
_entity_src_gen.pdbx_gene_src_organelle            ? 
_entity_src_gen.pdbx_gene_src_cell                 ? 
_entity_src_gen.pdbx_gene_src_cellular_location    ? 
_entity_src_gen.host_org_common_name               ? 
_entity_src_gen.pdbx_host_org_scientific_name      'Escherichia coli' 
_entity_src_gen.pdbx_host_org_ncbi_taxonomy_id     562 
_entity_src_gen.host_org_genus                     Escherichia 
_entity_src_gen.pdbx_host_org_gene                 ? 
_entity_src_gen.pdbx_host_org_organ                ? 
_entity_src_gen.host_org_species                   ? 
_entity_src_gen.pdbx_host_org_tissue               ? 
_entity_src_gen.pdbx_host_org_tissue_fraction      ? 
_entity_src_gen.pdbx_host_org_strain               ? 
_entity_src_gen.pdbx_host_org_variant              ? 
_entity_src_gen.pdbx_host_org_cell_line            ? 
_entity_src_gen.pdbx_host_org_atcc                 ? 
_entity_src_gen.pdbx_host_org_culture_collection   ? 
_entity_src_gen.pdbx_host_org_cell                 ? 
_entity_src_gen.pdbx_host_org_organelle            ? 
_entity_src_gen.pdbx_host_org_cellular_location    ? 
_entity_src_gen.pdbx_host_org_vector_type          ? 
_entity_src_gen.pdbx_host_org_vector               ? 
_entity_src_gen.host_org_details                   ? 
_entity_src_gen.expression_system_id               ? 
_entity_src_gen.plasmid_name                       ? 
_entity_src_gen.plasmid_details                    ? 
_entity_src_gen.pdbx_description                   ? 
# 
loop_
_chem_comp.id 
_chem_comp.type 
_chem_comp.mon_nstd_flag 
_chem_comp.name 
_chem_comp.pdbx_synonyms 
_chem_comp.formula 
_chem_comp.formula_weight 
ALA 'L-peptide linking' y ALANINE         ? 'C3 H7 N O2'     89.093  
ARG 'L-peptide linking' y ARGININE        ? 'C6 H15 N4 O2 1' 175.209 
ASN 'L-peptide linking' y ASPARAGINE      ? 'C4 H8 N2 O3'    132.118 
ASP 'L-peptide linking' y 'ASPARTIC ACID' ? 'C4 H7 N O4'     133.103 
CYS 'L-peptide linking' y CYSTEINE        ? 'C3 H7 N O2 S'   121.158 
GLN 'L-peptide linking' y GLUTAMINE       ? 'C5 H10 N2 O3'   146.144 
GLU 'L-peptide linking' y 'GLUTAMIC ACID' ? 'C5 H9 N O4'     147.129 
GLY 'peptide linking'   y GLYCINE         ? 'C2 H5 N O2'     75.067  
ILE 'L-peptide linking' y ISOLEUCINE      ? 'C6 H13 N O2'    131.173 
LEU 'L-peptide linking' y LEUCINE         ? 'C6 H13 N O2'    131.173 
LYS 'L-peptide linking' y LYSINE          ? 'C6 H15 N2 O2 1' 147.195 
MET 'L-peptide linking' y METHIONINE      ? 'C5 H11 N O2 S'  149.211 
PHE 'L-peptide linking' y PHENYLALANINE   ? 'C9 H11 N O2'    165.189 
PRO 'L-peptide linking' y PROLINE         ? 'C5 H9 N O2'     115.130 
SER 'L-peptide linking' y SERINE          ? 'C3 H7 N O3'     105.093 
THR 'L-peptide linking' y THREONINE       ? 'C4 H9 N O3'     119.119 
TRP 'L-peptide linking' y TRYPTOPHAN      ? 'C11 H12 N2 O2'  204.225 
TYR 'L-peptide linking' y TYROSINE        ? 'C9 H11 N O3'    181.189 
VAL 'L-peptide linking' y VALINE          ? 'C5 H11 N O2'    117.146 
# 
loop_
_pdbx_poly_seq_scheme.asym_id 
_pdbx_poly_seq_scheme.entity_id 
_pdbx_poly_seq_scheme.seq_id 
_pdbx_poly_seq_scheme.mon_id 
_pdbx_poly_seq_scheme.ndb_seq_num 
_pdbx_poly_seq_scheme.pdb_seq_num 
_pdbx_poly_seq_scheme.auth_seq_num 
_pdbx_poly_seq_scheme.pdb_mon_id 
_pdbx_poly_seq_scheme.auth_mon_id 
_pdbx_poly_seq_scheme.pdb_strand_id 
_pdbx_poly_seq_scheme.pdb_ins_code 
_pdbx_poly_seq_scheme.hetero 
A 1 1  MET 1  1001 1001 MET MET A . n 
A 1 2  GLN 2  1002 1002 GLN GLN A . n 
A 1 3  ASP 3  1003 1003 ASP ASP A . n 
A 1 4  CYS 4  1004 1004 CYS CYS A . n 
A 1 5  GLY 5  1005 1005 GLY GLY A . n 
A 1 6  LEU 6  1006 1006 LEU LEU A . n 
A 1 7  PRO 7  1007 1007 PRO PRO A . n 
A 1 8  PRO 8  1008 1008 PRO PRO A . n 
A 1 9  ASP 9  1009 1009 ASP ASP A . n 
A 1 10 VAL 10 1010 1010 VAL VAL A . n 
A 1 11 PRO 11 1011 1011 PRO PRO A . n 
A 1 12 ASN 12 1012 1012 ASN ASN A . n 
A 1 13 ALA 13 1013 1013 ALA ALA A . n 
A 1 14 GLN 14 1014 1014 GLN GLN A . n 
A 1 15 PRO 15 1015 1015 PRO PRO A . n 
A 1 16 ALA 16 1016 1016 ALA ALA A . n 
A 1 17 LEU 17 1017 1017 LEU LEU A . n 
A 1 18 GLU 18 1018 1018 GLU GLU A . n 
A 1 19 GLY 19 1019 1019 GLY GLY A . n 
A 1 20 ARG 20 1020 1020 ARG ARG A . n 
A 1 21 THR 21 1021 1021 THR THR A . n 
A 1 22 SER 22 1022 1022 SER SER A . n 
A 1 23 PHE 23 1023 1023 PHE PHE A . n 
A 1 24 PRO 24 1024 1024 PRO PRO A . n 
A 1 25 GLU 25 1025 1025 GLU GLU A . n 
A 1 26 ASP 26 1026 1026 ASP ASP A . n 
A 1 27 THR 27 1027 1027 THR THR A . n 
A 1 28 VAL 28 1028 1028 VAL VAL A . n 
A 1 29 ILE 29 1029 1029 ILE ILE A . n 
A 1 30 THR 30 1030 1030 THR THR A . n 
A 1 31 TYR 31 1031 1031 TYR TYR A . n 
A 1 32 LYS 32 1032 1032 LYS LYS A . n 
A 1 33 CYS 33 1033 1033 CYS CYS A . n 
A 1 34 GLU 34 1034 1034 GLU GLU A . n 
A 1 35 GLU 35 1035 1035 GLU GLU A . n 
A 1 36 SER 36 1036 1036 SER SER A . n 
A 1 37 PHE 37 1037 1037 PHE PHE A . n 
A 1 38 VAL 38 1038 1038 VAL VAL A . n 
A 1 39 LYS 39 1039 1039 LYS LYS A . n 
A 1 40 ILE 40 1040 1040 ILE ILE A . n 
A 1 41 PRO 41 1041 1041 PRO PRO A . n 
A 1 42 GLY 42 1042 1042 GLY GLY A . n 
A 1 43 GLU 43 1043 1043 GLU GLU A . n 
A 1 44 LYS 44 1044 1044 LYS LYS A . n 
A 1 45 ASP 45 1045 1045 ASP ASP A . n 
A 1 46 SER 46 1046 1046 SER SER A . n 
A 1 47 VAL 47 1047 1047 VAL VAL A . n 
A 1 48 ILE 48 1048 1048 ILE ILE A . n 
A 1 49 CYS 49 1049 1049 CYS CYS A . n 
A 1 50 LEU 50 1050 1050 LEU LEU A . n 
A 1 51 LYS 51 1051 1051 LYS LYS A . n 
A 1 52 GLY 52 1052 1052 GLY GLY A . n 
A 1 53 SER 53 1053 1053 SER SER A . n 
A 1 54 GLN 54 1054 1054 GLN GLN A . n 
A 1 55 TRP 55 1055 1055 TRP TRP A . n 
A 1 56 SER 56 1056 1056 SER SER A . n 
A 1 57 ASP 57 1057 1057 ASP ASP A . n 
A 1 58 ILE 58 1058 1058 ILE ILE A . n 
A 1 59 GLU 59 1059 1059 GLU GLU A . n 
A 1 60 GLU 60 1060 1060 GLU GLU A . n 
A 1 61 PHE 61 1061 1061 PHE PHE A . n 
A 1 62 CYS 62 1062 1062 CYS CYS A . n 
# 
_cell.entry_id           2QZF 
_cell.length_a           1.000 
_cell.length_b           1.000 
_cell.length_c           1.000 
_cell.angle_alpha        90.00 
_cell.angle_beta         90.00 
_cell.angle_gamma        90.00 
_cell.pdbx_unique_axis   ? 
_cell.Z_PDB              1 
_cell.length_a_esd       ? 
_cell.length_b_esd       ? 
_cell.length_c_esd       ? 
_cell.angle_alpha_esd    ? 
_cell.angle_beta_esd     ? 
_cell.angle_gamma_esd    ? 
# 
_symmetry.entry_id                         2QZF 
_symmetry.space_group_name_H-M             'P 1' 
_symmetry.pdbx_full_space_group_name_H-M   ? 
_symmetry.Int_Tables_number                1 
_symmetry.cell_setting                     ? 
# 
_exptl.entry_id          2QZF 
_exptl.method            'ELECTRON MICROSCOPY' 
_exptl.crystals_number   ? 
# 
_exptl_crystal.id                    1 
_exptl_crystal.density_meas          ? 
_exptl_crystal.density_percent_sol   ? 
_exptl_crystal.density_Matthews      ? 
_exptl_crystal.description           ? 
_exptl_crystal.F_000                 ? 
_exptl_crystal.preparation           ? 
# 
_diffrn.id                     1 
_diffrn.ambient_temp           ? 
_diffrn.ambient_temp_details   ? 
_diffrn.crystal_id             1 
# 
_diffrn_radiation.diffrn_id                        1 
_diffrn_radiation.wavelength_id                    1 
_diffrn_radiation.pdbx_monochromatic_or_laue_m_l   M 
_diffrn_radiation.monochromator                    ? 
_diffrn_radiation.pdbx_diffrn_protocol             'SINGLE WAVELENGTH' 
_diffrn_radiation.pdbx_scattering_type             x-ray 
# 
_diffrn_radiation_wavelength.id           1 
_diffrn_radiation_wavelength.wavelength   . 
_diffrn_radiation_wavelength.wt           1.0 
# 
_refine_hist.pdbx_refine_id                   'ELECTRON MICROSCOPY' 
_refine_hist.cycle_id                         LAST 
_refine_hist.pdbx_number_atoms_protein        479 
_refine_hist.pdbx_number_atoms_nucleic_acid   0 
_refine_hist.pdbx_number_atoms_ligand         0 
_refine_hist.number_atoms_solvent             0 
_refine_hist.number_atoms_total               479 
_refine_hist.d_res_high                       . 
_refine_hist.d_res_low                        . 
# 
_struct.entry_id                  2QZF 
_struct.title                     'SCR1 of DAF from 1ojv fitted into cryoEM density' 
_struct.pdbx_model_details        ? 
_struct.pdbx_CASP_flag            ? 
_struct.pdbx_model_type_details   ? 
# 
_struct_keywords.entry_id        2QZF 
_struct_keywords.pdbx_keywords   'IMMUNE SYSTEM' 
_struct_keywords.text            
;SCR1 of DAF from structure 1ojv fitted into cryoEM density, Blood group antigen, Complement pathway, Glycoprotein, GPI-anchor, Immune response, Innate immunity, Lipoprotein, Membrane, Sushi, Immune system
;
# 
_struct_asym.id                            A 
_struct_asym.pdbx_blank_PDB_chainid_flag   N 
_struct_asym.pdbx_modified                 N 
_struct_asym.entity_id                     1 
_struct_asym.details                       ? 
# 
_struct_ref.id                         1 
_struct_ref.db_name                    UNP 
_struct_ref.db_code                    DAF_HUMAN 
_struct_ref.pdbx_db_accession          P08174 
_struct_ref.entity_id                  1 
_struct_ref.pdbx_seq_one_letter_code   DCGLPPDVPNAQPALEGRTSFPEDTVITYKCEESFVKIPGEKDSVICLKGSQWSDIEEFC 
_struct_ref.pdbx_align_begin           35 
_struct_ref.pdbx_db_isoform            ? 
# 
_struct_ref_seq.align_id                      1 
_struct_ref_seq.ref_id                        1 
_struct_ref_seq.pdbx_PDB_id_code              2QZF 
_struct_ref_seq.pdbx_strand_id                A 
_struct_ref_seq.seq_align_beg                 3 
_struct_ref_seq.pdbx_seq_align_beg_ins_code   ? 
_struct_ref_seq.seq_align_end                 62 
_struct_ref_seq.pdbx_seq_align_end_ins_code   ? 
_struct_ref_seq.pdbx_db_accession             P08174 
_struct_ref_seq.db_align_beg                  35 
_struct_ref_seq.pdbx_db_align_beg_ins_code    ? 
_struct_ref_seq.db_align_end                  94 
_struct_ref_seq.pdbx_db_align_end_ins_code    ? 
_struct_ref_seq.pdbx_auth_seq_align_beg       1003 
_struct_ref_seq.pdbx_auth_seq_align_end       1062 
# 
loop_
_struct_ref_seq_dif.align_id 
_struct_ref_seq_dif.pdbx_pdb_id_code 
_struct_ref_seq_dif.mon_id 
_struct_ref_seq_dif.pdbx_pdb_strand_id 
_struct_ref_seq_dif.seq_num 
_struct_ref_seq_dif.pdbx_pdb_ins_code 
_struct_ref_seq_dif.pdbx_seq_db_name 
_struct_ref_seq_dif.pdbx_seq_db_accession_code 
_struct_ref_seq_dif.db_mon_id 
_struct_ref_seq_dif.pdbx_seq_db_seq_num 
_struct_ref_seq_dif.details 
_struct_ref_seq_dif.pdbx_auth_seq_num 
_struct_ref_seq_dif.pdbx_ordinal 
1 2QZF MET A 1 ? UNP P08174 ? ? insertion 1001 1 
1 2QZF GLN A 2 ? UNP P08174 ? ? insertion 1002 2 
# 
_pdbx_struct_assembly.id                   1 
_pdbx_struct_assembly.details              author_defined_assembly 
_pdbx_struct_assembly.method_details       ? 
_pdbx_struct_assembly.oligomeric_details   monomeric 
_pdbx_struct_assembly.oligomeric_count     1 
# 
_pdbx_struct_assembly_gen.assembly_id       1 
_pdbx_struct_assembly_gen.oper_expression   1 
_pdbx_struct_assembly_gen.asym_id_list      A 
# 
_pdbx_struct_oper_list.id                   1 
_pdbx_struct_oper_list.type                 'identity operation' 
_pdbx_struct_oper_list.name                 1_555 
_pdbx_struct_oper_list.symmetry_operation   x,y,z 
_pdbx_struct_oper_list.matrix[1][1]         1.0000000000 
_pdbx_struct_oper_list.matrix[1][2]         0.0000000000 
_pdbx_struct_oper_list.matrix[1][3]         0.0000000000 
_pdbx_struct_oper_list.vector[1]            0.0000000000 
_pdbx_struct_oper_list.matrix[2][1]         0.0000000000 
_pdbx_struct_oper_list.matrix[2][2]         1.0000000000 
_pdbx_struct_oper_list.matrix[2][3]         0.0000000000 
_pdbx_struct_oper_list.vector[2]            0.0000000000 
_pdbx_struct_oper_list.matrix[3][1]         0.0000000000 
_pdbx_struct_oper_list.matrix[3][2]         0.0000000000 
_pdbx_struct_oper_list.matrix[3][3]         1.0000000000 
_pdbx_struct_oper_list.vector[3]            0.0000000000 
# 
_struct_biol.id        1 
_struct_biol.details   ? 
# 
loop_
_struct_conn.id 
_struct_conn.conn_type_id 
_struct_conn.pdbx_leaving_atom_flag 
_struct_conn.pdbx_PDB_id 
_struct_conn.ptnr1_label_asym_id 
_struct_conn.ptnr1_label_comp_id 
_struct_conn.ptnr1_label_seq_id 
_struct_conn.ptnr1_label_atom_id 
_struct_conn.pdbx_ptnr1_label_alt_id 
_struct_conn.pdbx_ptnr1_PDB_ins_code 
_struct_conn.pdbx_ptnr1_standard_comp_id 
_struct_conn.ptnr1_symmetry 
_struct_conn.ptnr2_label_asym_id 
_struct_conn.ptnr2_label_comp_id 
_struct_conn.ptnr2_label_seq_id 
_struct_conn.ptnr2_label_atom_id 
_struct_conn.pdbx_ptnr2_label_alt_id 
_struct_conn.pdbx_ptnr2_PDB_ins_code 
_struct_conn.ptnr1_auth_asym_id 
_struct_conn.ptnr1_auth_comp_id 
_struct_conn.ptnr1_auth_seq_id 
_struct_conn.ptnr2_auth_asym_id 
_struct_conn.ptnr2_auth_comp_id 
_struct_conn.ptnr2_auth_seq_id 
_struct_conn.ptnr2_symmetry 
_struct_conn.pdbx_ptnr3_label_atom_id 
_struct_conn.pdbx_ptnr3_label_seq_id 
_struct_conn.pdbx_ptnr3_label_comp_id 
_struct_conn.pdbx_ptnr3_label_asym_id 
_struct_conn.pdbx_ptnr3_label_alt_id 
_struct_conn.pdbx_ptnr3_PDB_ins_code 
_struct_conn.details 
_struct_conn.pdbx_dist_value 
_struct_conn.pdbx_value_order 
_struct_conn.pdbx_role 
disulf1 disulf ? ? A CYS 4  SG ? ? ? 1_555 A CYS 49 SG ? ? A CYS 1004 A CYS 1049 1_555 ? ? ? ? ? ? ? 2.031 ? ? 
disulf2 disulf ? ? A CYS 33 SG ? ? ? 1_555 A CYS 62 SG ? ? A CYS 1033 A CYS 1062 1_555 ? ? ? ? ? ? ? 2.038 ? ? 
# 
_struct_conn_type.id          disulf 
_struct_conn_type.criteria    ? 
_struct_conn_type.reference   ? 
# 
loop_
_pdbx_modification_feature.ordinal 
_pdbx_modification_feature.label_comp_id 
_pdbx_modification_feature.label_asym_id 
_pdbx_modification_feature.label_seq_id 
_pdbx_modification_feature.label_alt_id 
_pdbx_modification_feature.modified_residue_label_comp_id 
_pdbx_modification_feature.modified_residue_label_asym_id 
_pdbx_modification_feature.modified_residue_label_seq_id 
_pdbx_modification_feature.modified_residue_label_alt_id 
_pdbx_modification_feature.auth_comp_id 
_pdbx_modification_feature.auth_asym_id 
_pdbx_modification_feature.auth_seq_id 
_pdbx_modification_feature.PDB_ins_code 
_pdbx_modification_feature.symmetry 
_pdbx_modification_feature.modified_residue_auth_comp_id 
_pdbx_modification_feature.modified_residue_auth_asym_id 
_pdbx_modification_feature.modified_residue_auth_seq_id 
_pdbx_modification_feature.modified_residue_PDB_ins_code 
_pdbx_modification_feature.modified_residue_symmetry 
_pdbx_modification_feature.comp_id_linking_atom 
_pdbx_modification_feature.modified_residue_id_linking_atom 
_pdbx_modification_feature.modified_residue_id 
_pdbx_modification_feature.ref_pcm_id 
_pdbx_modification_feature.ref_comp_id 
_pdbx_modification_feature.type 
_pdbx_modification_feature.category 
1 CYS A 4  ? CYS A 49 ? CYS A 1004 ? 1_555 CYS A 1049 ? 1_555 SG SG . . . None 'Disulfide bridge' 
2 CYS A 33 ? CYS A 62 ? CYS A 1033 ? 1_555 CYS A 1062 ? 1_555 SG SG . . . None 'Disulfide bridge' 
# 
loop_
_struct_sheet.id 
_struct_sheet.type 
_struct_sheet.number_strands 
_struct_sheet.details 
A ? 2 ? 
B ? 4 ? 
# 
loop_
_struct_sheet_order.sheet_id 
_struct_sheet_order.range_id_1 
_struct_sheet_order.range_id_2 
_struct_sheet_order.offset 
_struct_sheet_order.sense 
A 1 2 ? anti-parallel 
B 1 2 ? anti-parallel 
B 2 3 ? anti-parallel 
B 3 4 ? anti-parallel 
# 
loop_
_struct_sheet_range.sheet_id 
_struct_sheet_range.id 
_struct_sheet_range.beg_label_comp_id 
_struct_sheet_range.beg_label_asym_id 
_struct_sheet_range.beg_label_seq_id 
_struct_sheet_range.pdbx_beg_PDB_ins_code 
_struct_sheet_range.end_label_comp_id 
_struct_sheet_range.end_label_asym_id 
_struct_sheet_range.end_label_seq_id 
_struct_sheet_range.pdbx_end_PDB_ins_code 
_struct_sheet_range.beg_auth_comp_id 
_struct_sheet_range.beg_auth_asym_id 
_struct_sheet_range.beg_auth_seq_id 
_struct_sheet_range.end_auth_comp_id 
_struct_sheet_range.end_auth_asym_id 
_struct_sheet_range.end_auth_seq_id 
A 1 ASP A 3  ? CYS A 4  ? ASP A 1003 CYS A 1004 
A 2 PHE A 23 ? PRO A 24 ? PHE A 1023 PRO A 1024 
B 1 ALA A 13 ? PRO A 15 ? ALA A 1013 PRO A 1015 
B 2 VAL A 28 ? CYS A 33 ? VAL A 1028 CYS A 1033 
B 3 SER A 46 ? LEU A 50 ? SER A 1046 LEU A 1050 
B 4 GLN A 54 ? TRP A 55 ? GLN A 1054 TRP A 1055 
# 
loop_
_pdbx_struct_sheet_hbond.sheet_id 
_pdbx_struct_sheet_hbond.range_id_1 
_pdbx_struct_sheet_hbond.range_id_2 
_pdbx_struct_sheet_hbond.range_1_label_atom_id 
_pdbx_struct_sheet_hbond.range_1_label_comp_id 
_pdbx_struct_sheet_hbond.range_1_label_asym_id 
_pdbx_struct_sheet_hbond.range_1_label_seq_id 
_pdbx_struct_sheet_hbond.range_1_PDB_ins_code 
_pdbx_struct_sheet_hbond.range_1_auth_atom_id 
_pdbx_struct_sheet_hbond.range_1_auth_comp_id 
_pdbx_struct_sheet_hbond.range_1_auth_asym_id 
_pdbx_struct_sheet_hbond.range_1_auth_seq_id 
_pdbx_struct_sheet_hbond.range_2_label_atom_id 
_pdbx_struct_sheet_hbond.range_2_label_comp_id 
_pdbx_struct_sheet_hbond.range_2_label_asym_id 
_pdbx_struct_sheet_hbond.range_2_label_seq_id 
_pdbx_struct_sheet_hbond.range_2_PDB_ins_code 
_pdbx_struct_sheet_hbond.range_2_auth_atom_id 
_pdbx_struct_sheet_hbond.range_2_auth_comp_id 
_pdbx_struct_sheet_hbond.range_2_auth_asym_id 
_pdbx_struct_sheet_hbond.range_2_auth_seq_id 
A 1 2 N CYS A 4  ? N CYS A 1004 O PHE A 23 ? O PHE A 1023 
B 1 2 N GLN A 14 ? N GLN A 1014 O LYS A 32 ? O LYS A 1032 
B 2 3 N ILE A 29 ? N ILE A 1029 O VAL A 47 ? O VAL A 1047 
B 3 4 N LEU A 50 ? N LEU A 1050 O GLN A 54 ? O GLN A 1054 
# 
_pdbx_entry_details.entry_id                   2QZF 
_pdbx_entry_details.compound_details           ? 
_pdbx_entry_details.source_details             ? 
_pdbx_entry_details.nonpolymer_details         ? 
_pdbx_entry_details.sequence_details           ? 
_pdbx_entry_details.has_ligand_of_interest     ? 
_pdbx_entry_details.has_protein_modification   Y 
# 
_pdbx_validate_torsion.id              1 
_pdbx_validate_torsion.PDB_model_num   1 
_pdbx_validate_torsion.auth_comp_id    GLN 
_pdbx_validate_torsion.auth_asym_id    A 
_pdbx_validate_torsion.auth_seq_id     1002 
_pdbx_validate_torsion.PDB_ins_code    ? 
_pdbx_validate_torsion.label_alt_id    ? 
_pdbx_validate_torsion.phi             -58.71 
_pdbx_validate_torsion.psi             32.14 
# 
_em_3d_fitting.id                1 
_em_3d_fitting.entry_id          2QZF 
_em_3d_fitting.ref_protocol      ? 
_em_3d_fitting.ref_space         ? 
_em_3d_fitting.overall_b_value   ? 
_em_3d_fitting.target_criteria   ? 
_em_3d_fitting.details           ? 
_em_3d_fitting.method            ? 
# 
_em_3d_fitting_list.3d_fitting_id                 1 
_em_3d_fitting_list.id                            1 
_em_3d_fitting_list.pdb_entry_id                  1OJV 
_em_3d_fitting_list.pdb_chain_id                  ? 
_em_3d_fitting_list.details                       ? 
_em_3d_fitting_list.initial_refinement_model_id   1 
_em_3d_fitting_list.chain_id                      ? 
_em_3d_fitting_list.chain_residue_range           ? 
_em_3d_fitting_list.pdb_chain_residue_range       ? 
_em_3d_fitting_list.source_name                   PDB 
_em_3d_fitting_list.type                          'experimental model' 
_em_3d_fitting_list.accession_code                1OJV 
# 
_em_3d_reconstruction.entry_id                    2QZF 
_em_3d_reconstruction.id                          1 
_em_3d_reconstruction.symmetry_type               POINT 
_em_3d_reconstruction.num_particles               2269 
_em_3d_reconstruction.image_processing_id         1 
_em_3d_reconstruction.method                      ? 
_em_3d_reconstruction.nominal_pixel_size          ? 
_em_3d_reconstruction.actual_pixel_size           ? 
_em_3d_reconstruction.resolution                  14 
_em_3d_reconstruction.resolution_method           ? 
_em_3d_reconstruction.magnification_calibration   ? 
_em_3d_reconstruction.details                     ? 
_em_3d_reconstruction.num_class_averages          ? 
_em_3d_reconstruction.algorithm                   ? 
# 
_em_buffer.id            1 
_em_buffer.specimen_id   1 
_em_buffer.name          '50mM MES' 
_em_buffer.pH            6 
_em_buffer.details       '50mM MES' 
# 
loop_
_em_entity_assembly.id 
_em_entity_assembly.name 
_em_entity_assembly.type 
_em_entity_assembly.parent_id 
_em_entity_assembly.synonym 
_em_entity_assembly.details 
_em_entity_assembly.oligomeric_details 
1 'coxsackievirus B3, RD strain, complexed with decay-accelerating factor' VIRUS 0 ? 
'one DAF binds each binding site, one per each protomer' ? 
2 'Complement decay-accelerating factor'                                   ?     1 ? ? ? 
# 
_em_imaging.entry_id                        2QZF 
_em_imaging.id                              1 
_em_imaging.nominal_magnification           45000 
_em_imaging.specimen_id                     1 
_em_imaging.date                            2004-08-06 
_em_imaging.temperature                     93 
_em_imaging.microscope_model                'FEI/PHILIPS CM300FEG/T' 
_em_imaging.nominal_defocus_min             1.0 
_em_imaging.nominal_defocus_max             4.6 
_em_imaging.tilt_angle_min                  0 
_em_imaging.tilt_angle_max                  ? 
_em_imaging.nominal_cs                      2.0 
_em_imaging.mode                            'BRIGHT FIELD' 
_em_imaging.illumination_mode               'FLOOD BEAM' 
_em_imaging.calibrated_magnification        ? 
_em_imaging.electron_source                 'TUNGSTEN HAIRPIN' 
_em_imaging.accelerating_voltage            300 
_em_imaging.details                         ? 
_em_imaging.specimen_holder_type            ? 
_em_imaging.specimen_holder_model           ? 
_em_imaging.citation_id                     ? 
_em_imaging.detector_distance               ? 
_em_imaging.recording_temperature_maximum   ? 
_em_imaging.recording_temperature_minimum   ? 
_em_imaging.astigmatism                     ? 
_em_imaging.electron_beam_tilt_params       ? 
# 
_em_sample_support.id               1 
_em_sample_support.specimen_id      1 
_em_sample_support.details          quantifoils 
_em_sample_support.film_material    ? 
_em_sample_support.grid_material    ? 
_em_sample_support.grid_mesh_size   ? 
_em_sample_support.grid_type        ? 
_em_sample_support.method           ? 
# 
_em_vitrification.entry_id              2QZF 
_em_vitrification.id                    1 
_em_vitrification.instrument            'HOMEMADE PLUNGER' 
_em_vitrification.cryogen_name          ETHANE 
_em_vitrification.details               'blot before plunging' 
_em_vitrification.citation_id           ? 
_em_vitrification.humidity              ? 
_em_vitrification.method                ? 
_em_vitrification.specimen_id           1 
_em_vitrification.temp                  ? 
_em_vitrification.time_resolved_state   ? 
# 
_em_experiment.entry_id                2QZF 
_em_experiment.id                      1 
_em_experiment.aggregation_state       PARTICLE 
_em_experiment.entity_assembly_id      1 
_em_experiment.reconstruction_method   'SINGLE PARTICLE' 
# 
_em_single_particle_entity.entry_id              2QZF 
_em_single_particle_entity.id                    1 
_em_single_particle_entity.point_symmetry        I 
_em_single_particle_entity.image_processing_id   1 
# 
loop_
_chem_comp_atom.comp_id 
_chem_comp_atom.atom_id 
_chem_comp_atom.type_symbol 
_chem_comp_atom.pdbx_aromatic_flag 
_chem_comp_atom.pdbx_stereo_config 
_chem_comp_atom.pdbx_ordinal 
ALA N    N N N 1   
ALA CA   C N S 2   
ALA C    C N N 3   
ALA O    O N N 4   
ALA CB   C N N 5   
ALA OXT  O N N 6   
ALA H    H N N 7   
ALA H2   H N N 8   
ALA HA   H N N 9   
ALA HB1  H N N 10  
ALA HB2  H N N 11  
ALA HB3  H N N 12  
ALA HXT  H N N 13  
ARG N    N N N 14  
ARG CA   C N S 15  
ARG C    C N N 16  
ARG O    O N N 17  
ARG CB   C N N 18  
ARG CG   C N N 19  
ARG CD   C N N 20  
ARG NE   N N N 21  
ARG CZ   C N N 22  
ARG NH1  N N N 23  
ARG NH2  N N N 24  
ARG OXT  O N N 25  
ARG H    H N N 26  
ARG H2   H N N 27  
ARG HA   H N N 28  
ARG HB2  H N N 29  
ARG HB3  H N N 30  
ARG HG2  H N N 31  
ARG HG3  H N N 32  
ARG HD2  H N N 33  
ARG HD3  H N N 34  
ARG HE   H N N 35  
ARG HH11 H N N 36  
ARG HH12 H N N 37  
ARG HH21 H N N 38  
ARG HH22 H N N 39  
ARG HXT  H N N 40  
ASN N    N N N 41  
ASN CA   C N S 42  
ASN C    C N N 43  
ASN O    O N N 44  
ASN CB   C N N 45  
ASN CG   C N N 46  
ASN OD1  O N N 47  
ASN ND2  N N N 48  
ASN OXT  O N N 49  
ASN H    H N N 50  
ASN H2   H N N 51  
ASN HA   H N N 52  
ASN HB2  H N N 53  
ASN HB3  H N N 54  
ASN HD21 H N N 55  
ASN HD22 H N N 56  
ASN HXT  H N N 57  
ASP N    N N N 58  
ASP CA   C N S 59  
ASP C    C N N 60  
ASP O    O N N 61  
ASP CB   C N N 62  
ASP CG   C N N 63  
ASP OD1  O N N 64  
ASP OD2  O N N 65  
ASP OXT  O N N 66  
ASP H    H N N 67  
ASP H2   H N N 68  
ASP HA   H N N 69  
ASP HB2  H N N 70  
ASP HB3  H N N 71  
ASP HD2  H N N 72  
ASP HXT  H N N 73  
CYS N    N N N 74  
CYS CA   C N R 75  
CYS C    C N N 76  
CYS O    O N N 77  
CYS CB   C N N 78  
CYS SG   S N N 79  
CYS OXT  O N N 80  
CYS H    H N N 81  
CYS H2   H N N 82  
CYS HA   H N N 83  
CYS HB2  H N N 84  
CYS HB3  H N N 85  
CYS HG   H N N 86  
CYS HXT  H N N 87  
GLN N    N N N 88  
GLN CA   C N S 89  
GLN C    C N N 90  
GLN O    O N N 91  
GLN CB   C N N 92  
GLN CG   C N N 93  
GLN CD   C N N 94  
GLN OE1  O N N 95  
GLN NE2  N N N 96  
GLN OXT  O N N 97  
GLN H    H N N 98  
GLN H2   H N N 99  
GLN HA   H N N 100 
GLN HB2  H N N 101 
GLN HB3  H N N 102 
GLN HG2  H N N 103 
GLN HG3  H N N 104 
GLN HE21 H N N 105 
GLN HE22 H N N 106 
GLN HXT  H N N 107 
GLU N    N N N 108 
GLU CA   C N S 109 
GLU C    C N N 110 
GLU O    O N N 111 
GLU CB   C N N 112 
GLU CG   C N N 113 
GLU CD   C N N 114 
GLU OE1  O N N 115 
GLU OE2  O N N 116 
GLU OXT  O N N 117 
GLU H    H N N 118 
GLU H2   H N N 119 
GLU HA   H N N 120 
GLU HB2  H N N 121 
GLU HB3  H N N 122 
GLU HG2  H N N 123 
GLU HG3  H N N 124 
GLU HE2  H N N 125 
GLU HXT  H N N 126 
GLY N    N N N 127 
GLY CA   C N N 128 
GLY C    C N N 129 
GLY O    O N N 130 
GLY OXT  O N N 131 
GLY H    H N N 132 
GLY H2   H N N 133 
GLY HA2  H N N 134 
GLY HA3  H N N 135 
GLY HXT  H N N 136 
ILE N    N N N 137 
ILE CA   C N S 138 
ILE C    C N N 139 
ILE O    O N N 140 
ILE CB   C N S 141 
ILE CG1  C N N 142 
ILE CG2  C N N 143 
ILE CD1  C N N 144 
ILE OXT  O N N 145 
ILE H    H N N 146 
ILE H2   H N N 147 
ILE HA   H N N 148 
ILE HB   H N N 149 
ILE HG12 H N N 150 
ILE HG13 H N N 151 
ILE HG21 H N N 152 
ILE HG22 H N N 153 
ILE HG23 H N N 154 
ILE HD11 H N N 155 
ILE HD12 H N N 156 
ILE HD13 H N N 157 
ILE HXT  H N N 158 
LEU N    N N N 159 
LEU CA   C N S 160 
LEU C    C N N 161 
LEU O    O N N 162 
LEU CB   C N N 163 
LEU CG   C N N 164 
LEU CD1  C N N 165 
LEU CD2  C N N 166 
LEU OXT  O N N 167 
LEU H    H N N 168 
LEU H2   H N N 169 
LEU HA   H N N 170 
LEU HB2  H N N 171 
LEU HB3  H N N 172 
LEU HG   H N N 173 
LEU HD11 H N N 174 
LEU HD12 H N N 175 
LEU HD13 H N N 176 
LEU HD21 H N N 177 
LEU HD22 H N N 178 
LEU HD23 H N N 179 
LEU HXT  H N N 180 
LYS N    N N N 181 
LYS CA   C N S 182 
LYS C    C N N 183 
LYS O    O N N 184 
LYS CB   C N N 185 
LYS CG   C N N 186 
LYS CD   C N N 187 
LYS CE   C N N 188 
LYS NZ   N N N 189 
LYS OXT  O N N 190 
LYS H    H N N 191 
LYS H2   H N N 192 
LYS HA   H N N 193 
LYS HB2  H N N 194 
LYS HB3  H N N 195 
LYS HG2  H N N 196 
LYS HG3  H N N 197 
LYS HD2  H N N 198 
LYS HD3  H N N 199 
LYS HE2  H N N 200 
LYS HE3  H N N 201 
LYS HZ1  H N N 202 
LYS HZ2  H N N 203 
LYS HZ3  H N N 204 
LYS HXT  H N N 205 
MET N    N N N 206 
MET CA   C N S 207 
MET C    C N N 208 
MET O    O N N 209 
MET CB   C N N 210 
MET CG   C N N 211 
MET SD   S N N 212 
MET CE   C N N 213 
MET OXT  O N N 214 
MET H    H N N 215 
MET H2   H N N 216 
MET HA   H N N 217 
MET HB2  H N N 218 
MET HB3  H N N 219 
MET HG2  H N N 220 
MET HG3  H N N 221 
MET HE1  H N N 222 
MET HE2  H N N 223 
MET HE3  H N N 224 
MET HXT  H N N 225 
PHE N    N N N 226 
PHE CA   C N S 227 
PHE C    C N N 228 
PHE O    O N N 229 
PHE CB   C N N 230 
PHE CG   C Y N 231 
PHE CD1  C Y N 232 
PHE CD2  C Y N 233 
PHE CE1  C Y N 234 
PHE CE2  C Y N 235 
PHE CZ   C Y N 236 
PHE OXT  O N N 237 
PHE H    H N N 238 
PHE H2   H N N 239 
PHE HA   H N N 240 
PHE HB2  H N N 241 
PHE HB3  H N N 242 
PHE HD1  H N N 243 
PHE HD2  H N N 244 
PHE HE1  H N N 245 
PHE HE2  H N N 246 
PHE HZ   H N N 247 
PHE HXT  H N N 248 
PRO N    N N N 249 
PRO CA   C N S 250 
PRO C    C N N 251 
PRO O    O N N 252 
PRO CB   C N N 253 
PRO CG   C N N 254 
PRO CD   C N N 255 
PRO OXT  O N N 256 
PRO H    H N N 257 
PRO HA   H N N 258 
PRO HB2  H N N 259 
PRO HB3  H N N 260 
PRO HG2  H N N 261 
PRO HG3  H N N 262 
PRO HD2  H N N 263 
PRO HD3  H N N 264 
PRO HXT  H N N 265 
SER N    N N N 266 
SER CA   C N S 267 
SER C    C N N 268 
SER O    O N N 269 
SER CB   C N N 270 
SER OG   O N N 271 
SER OXT  O N N 272 
SER H    H N N 273 
SER H2   H N N 274 
SER HA   H N N 275 
SER HB2  H N N 276 
SER HB3  H N N 277 
SER HG   H N N 278 
SER HXT  H N N 279 
THR N    N N N 280 
THR CA   C N S 281 
THR C    C N N 282 
THR O    O N N 283 
THR CB   C N R 284 
THR OG1  O N N 285 
THR CG2  C N N 286 
THR OXT  O N N 287 
THR H    H N N 288 
THR H2   H N N 289 
THR HA   H N N 290 
THR HB   H N N 291 
THR HG1  H N N 292 
THR HG21 H N N 293 
THR HG22 H N N 294 
THR HG23 H N N 295 
THR HXT  H N N 296 
TRP N    N N N 297 
TRP CA   C N S 298 
TRP C    C N N 299 
TRP O    O N N 300 
TRP CB   C N N 301 
TRP CG   C Y N 302 
TRP CD1  C Y N 303 
TRP CD2  C Y N 304 
TRP NE1  N Y N 305 
TRP CE2  C Y N 306 
TRP CE3  C Y N 307 
TRP CZ2  C Y N 308 
TRP CZ3  C Y N 309 
TRP CH2  C Y N 310 
TRP OXT  O N N 311 
TRP H    H N N 312 
TRP H2   H N N 313 
TRP HA   H N N 314 
TRP HB2  H N N 315 
TRP HB3  H N N 316 
TRP HD1  H N N 317 
TRP HE1  H N N 318 
TRP HE3  H N N 319 
TRP HZ2  H N N 320 
TRP HZ3  H N N 321 
TRP HH2  H N N 322 
TRP HXT  H N N 323 
TYR N    N N N 324 
TYR CA   C N S 325 
TYR C    C N N 326 
TYR O    O N N 327 
TYR CB   C N N 328 
TYR CG   C Y N 329 
TYR CD1  C Y N 330 
TYR CD2  C Y N 331 
TYR CE1  C Y N 332 
TYR CE2  C Y N 333 
TYR CZ   C Y N 334 
TYR OH   O N N 335 
TYR OXT  O N N 336 
TYR H    H N N 337 
TYR H2   H N N 338 
TYR HA   H N N 339 
TYR HB2  H N N 340 
TYR HB3  H N N 341 
TYR HD1  H N N 342 
TYR HD2  H N N 343 
TYR HE1  H N N 344 
TYR HE2  H N N 345 
TYR HH   H N N 346 
TYR HXT  H N N 347 
VAL N    N N N 348 
VAL CA   C N S 349 
VAL C    C N N 350 
VAL O    O N N 351 
VAL CB   C N N 352 
VAL CG1  C N N 353 
VAL CG2  C N N 354 
VAL OXT  O N N 355 
VAL H    H N N 356 
VAL H2   H N N 357 
VAL HA   H N N 358 
VAL HB   H N N 359 
VAL HG11 H N N 360 
VAL HG12 H N N 361 
VAL HG13 H N N 362 
VAL HG21 H N N 363 
VAL HG22 H N N 364 
VAL HG23 H N N 365 
VAL HXT  H N N 366 
# 
loop_
_chem_comp_bond.comp_id 
_chem_comp_bond.atom_id_1 
_chem_comp_bond.atom_id_2 
_chem_comp_bond.value_order 
_chem_comp_bond.pdbx_aromatic_flag 
_chem_comp_bond.pdbx_stereo_config 
_chem_comp_bond.pdbx_ordinal 
ALA N   CA   sing N N 1   
ALA N   H    sing N N 2   
ALA N   H2   sing N N 3   
ALA CA  C    sing N N 4   
ALA CA  CB   sing N N 5   
ALA CA  HA   sing N N 6   
ALA C   O    doub N N 7   
ALA C   OXT  sing N N 8   
ALA CB  HB1  sing N N 9   
ALA CB  HB2  sing N N 10  
ALA CB  HB3  sing N N 11  
ALA OXT HXT  sing N N 12  
ARG N   CA   sing N N 13  
ARG N   H    sing N N 14  
ARG N   H2   sing N N 15  
ARG CA  C    sing N N 16  
ARG CA  CB   sing N N 17  
ARG CA  HA   sing N N 18  
ARG C   O    doub N N 19  
ARG C   OXT  sing N N 20  
ARG CB  CG   sing N N 21  
ARG CB  HB2  sing N N 22  
ARG CB  HB3  sing N N 23  
ARG CG  CD   sing N N 24  
ARG CG  HG2  sing N N 25  
ARG CG  HG3  sing N N 26  
ARG CD  NE   sing N N 27  
ARG CD  HD2  sing N N 28  
ARG CD  HD3  sing N N 29  
ARG NE  CZ   sing N N 30  
ARG NE  HE   sing N N 31  
ARG CZ  NH1  sing N N 32  
ARG CZ  NH2  doub N N 33  
ARG NH1 HH11 sing N N 34  
ARG NH1 HH12 sing N N 35  
ARG NH2 HH21 sing N N 36  
ARG NH2 HH22 sing N N 37  
ARG OXT HXT  sing N N 38  
ASN N   CA   sing N N 39  
ASN N   H    sing N N 40  
ASN N   H2   sing N N 41  
ASN CA  C    sing N N 42  
ASN CA  CB   sing N N 43  
ASN CA  HA   sing N N 44  
ASN C   O    doub N N 45  
ASN C   OXT  sing N N 46  
ASN CB  CG   sing N N 47  
ASN CB  HB2  sing N N 48  
ASN CB  HB3  sing N N 49  
ASN CG  OD1  doub N N 50  
ASN CG  ND2  sing N N 51  
ASN ND2 HD21 sing N N 52  
ASN ND2 HD22 sing N N 53  
ASN OXT HXT  sing N N 54  
ASP N   CA   sing N N 55  
ASP N   H    sing N N 56  
ASP N   H2   sing N N 57  
ASP CA  C    sing N N 58  
ASP CA  CB   sing N N 59  
ASP CA  HA   sing N N 60  
ASP C   O    doub N N 61  
ASP C   OXT  sing N N 62  
ASP CB  CG   sing N N 63  
ASP CB  HB2  sing N N 64  
ASP CB  HB3  sing N N 65  
ASP CG  OD1  doub N N 66  
ASP CG  OD2  sing N N 67  
ASP OD2 HD2  sing N N 68  
ASP OXT HXT  sing N N 69  
CYS N   CA   sing N N 70  
CYS N   H    sing N N 71  
CYS N   H2   sing N N 72  
CYS CA  C    sing N N 73  
CYS CA  CB   sing N N 74  
CYS CA  HA   sing N N 75  
CYS C   O    doub N N 76  
CYS C   OXT  sing N N 77  
CYS CB  SG   sing N N 78  
CYS CB  HB2  sing N N 79  
CYS CB  HB3  sing N N 80  
CYS SG  HG   sing N N 81  
CYS OXT HXT  sing N N 82  
GLN N   CA   sing N N 83  
GLN N   H    sing N N 84  
GLN N   H2   sing N N 85  
GLN CA  C    sing N N 86  
GLN CA  CB   sing N N 87  
GLN CA  HA   sing N N 88  
GLN C   O    doub N N 89  
GLN C   OXT  sing N N 90  
GLN CB  CG   sing N N 91  
GLN CB  HB2  sing N N 92  
GLN CB  HB3  sing N N 93  
GLN CG  CD   sing N N 94  
GLN CG  HG2  sing N N 95  
GLN CG  HG3  sing N N 96  
GLN CD  OE1  doub N N 97  
GLN CD  NE2  sing N N 98  
GLN NE2 HE21 sing N N 99  
GLN NE2 HE22 sing N N 100 
GLN OXT HXT  sing N N 101 
GLU N   CA   sing N N 102 
GLU N   H    sing N N 103 
GLU N   H2   sing N N 104 
GLU CA  C    sing N N 105 
GLU CA  CB   sing N N 106 
GLU CA  HA   sing N N 107 
GLU C   O    doub N N 108 
GLU C   OXT  sing N N 109 
GLU CB  CG   sing N N 110 
GLU CB  HB2  sing N N 111 
GLU CB  HB3  sing N N 112 
GLU CG  CD   sing N N 113 
GLU CG  HG2  sing N N 114 
GLU CG  HG3  sing N N 115 
GLU CD  OE1  doub N N 116 
GLU CD  OE2  sing N N 117 
GLU OE2 HE2  sing N N 118 
GLU OXT HXT  sing N N 119 
GLY N   CA   sing N N 120 
GLY N   H    sing N N 121 
GLY N   H2   sing N N 122 
GLY CA  C    sing N N 123 
GLY CA  HA2  sing N N 124 
GLY CA  HA3  sing N N 125 
GLY C   O    doub N N 126 
GLY C   OXT  sing N N 127 
GLY OXT HXT  sing N N 128 
ILE N   CA   sing N N 129 
ILE N   H    sing N N 130 
ILE N   H2   sing N N 131 
ILE CA  C    sing N N 132 
ILE CA  CB   sing N N 133 
ILE CA  HA   sing N N 134 
ILE C   O    doub N N 135 
ILE C   OXT  sing N N 136 
ILE CB  CG1  sing N N 137 
ILE CB  CG2  sing N N 138 
ILE CB  HB   sing N N 139 
ILE CG1 CD1  sing N N 140 
ILE CG1 HG12 sing N N 141 
ILE CG1 HG13 sing N N 142 
ILE CG2 HG21 sing N N 143 
ILE CG2 HG22 sing N N 144 
ILE CG2 HG23 sing N N 145 
ILE CD1 HD11 sing N N 146 
ILE CD1 HD12 sing N N 147 
ILE CD1 HD13 sing N N 148 
ILE OXT HXT  sing N N 149 
LEU N   CA   sing N N 150 
LEU N   H    sing N N 151 
LEU N   H2   sing N N 152 
LEU CA  C    sing N N 153 
LEU CA  CB   sing N N 154 
LEU CA  HA   sing N N 155 
LEU C   O    doub N N 156 
LEU C   OXT  sing N N 157 
LEU CB  CG   sing N N 158 
LEU CB  HB2  sing N N 159 
LEU CB  HB3  sing N N 160 
LEU CG  CD1  sing N N 161 
LEU CG  CD2  sing N N 162 
LEU CG  HG   sing N N 163 
LEU CD1 HD11 sing N N 164 
LEU CD1 HD12 sing N N 165 
LEU CD1 HD13 sing N N 166 
LEU CD2 HD21 sing N N 167 
LEU CD2 HD22 sing N N 168 
LEU CD2 HD23 sing N N 169 
LEU OXT HXT  sing N N 170 
LYS N   CA   sing N N 171 
LYS N   H    sing N N 172 
LYS N   H2   sing N N 173 
LYS CA  C    sing N N 174 
LYS CA  CB   sing N N 175 
LYS CA  HA   sing N N 176 
LYS C   O    doub N N 177 
LYS C   OXT  sing N N 178 
LYS CB  CG   sing N N 179 
LYS CB  HB2  sing N N 180 
LYS CB  HB3  sing N N 181 
LYS CG  CD   sing N N 182 
LYS CG  HG2  sing N N 183 
LYS CG  HG3  sing N N 184 
LYS CD  CE   sing N N 185 
LYS CD  HD2  sing N N 186 
LYS CD  HD3  sing N N 187 
LYS CE  NZ   sing N N 188 
LYS CE  HE2  sing N N 189 
LYS CE  HE3  sing N N 190 
LYS NZ  HZ1  sing N N 191 
LYS NZ  HZ2  sing N N 192 
LYS NZ  HZ3  sing N N 193 
LYS OXT HXT  sing N N 194 
MET N   CA   sing N N 195 
MET N   H    sing N N 196 
MET N   H2   sing N N 197 
MET CA  C    sing N N 198 
MET CA  CB   sing N N 199 
MET CA  HA   sing N N 200 
MET C   O    doub N N 201 
MET C   OXT  sing N N 202 
MET CB  CG   sing N N 203 
MET CB  HB2  sing N N 204 
MET CB  HB3  sing N N 205 
MET CG  SD   sing N N 206 
MET CG  HG2  sing N N 207 
MET CG  HG3  sing N N 208 
MET SD  CE   sing N N 209 
MET CE  HE1  sing N N 210 
MET CE  HE2  sing N N 211 
MET CE  HE3  sing N N 212 
MET OXT HXT  sing N N 213 
PHE N   CA   sing N N 214 
PHE N   H    sing N N 215 
PHE N   H2   sing N N 216 
PHE CA  C    sing N N 217 
PHE CA  CB   sing N N 218 
PHE CA  HA   sing N N 219 
PHE C   O    doub N N 220 
PHE C   OXT  sing N N 221 
PHE CB  CG   sing N N 222 
PHE CB  HB2  sing N N 223 
PHE CB  HB3  sing N N 224 
PHE CG  CD1  doub Y N 225 
PHE CG  CD2  sing Y N 226 
PHE CD1 CE1  sing Y N 227 
PHE CD1 HD1  sing N N 228 
PHE CD2 CE2  doub Y N 229 
PHE CD2 HD2  sing N N 230 
PHE CE1 CZ   doub Y N 231 
PHE CE1 HE1  sing N N 232 
PHE CE2 CZ   sing Y N 233 
PHE CE2 HE2  sing N N 234 
PHE CZ  HZ   sing N N 235 
PHE OXT HXT  sing N N 236 
PRO N   CA   sing N N 237 
PRO N   CD   sing N N 238 
PRO N   H    sing N N 239 
PRO CA  C    sing N N 240 
PRO CA  CB   sing N N 241 
PRO CA  HA   sing N N 242 
PRO C   O    doub N N 243 
PRO C   OXT  sing N N 244 
PRO CB  CG   sing N N 245 
PRO CB  HB2  sing N N 246 
PRO CB  HB3  sing N N 247 
PRO CG  CD   sing N N 248 
PRO CG  HG2  sing N N 249 
PRO CG  HG3  sing N N 250 
PRO CD  HD2  sing N N 251 
PRO CD  HD3  sing N N 252 
PRO OXT HXT  sing N N 253 
SER N   CA   sing N N 254 
SER N   H    sing N N 255 
SER N   H2   sing N N 256 
SER CA  C    sing N N 257 
SER CA  CB   sing N N 258 
SER CA  HA   sing N N 259 
SER C   O    doub N N 260 
SER C   OXT  sing N N 261 
SER CB  OG   sing N N 262 
SER CB  HB2  sing N N 263 
SER CB  HB3  sing N N 264 
SER OG  HG   sing N N 265 
SER OXT HXT  sing N N 266 
THR N   CA   sing N N 267 
THR N   H    sing N N 268 
THR N   H2   sing N N 269 
THR CA  C    sing N N 270 
THR CA  CB   sing N N 271 
THR CA  HA   sing N N 272 
THR C   O    doub N N 273 
THR C   OXT  sing N N 274 
THR CB  OG1  sing N N 275 
THR CB  CG2  sing N N 276 
THR CB  HB   sing N N 277 
THR OG1 HG1  sing N N 278 
THR CG2 HG21 sing N N 279 
THR CG2 HG22 sing N N 280 
THR CG2 HG23 sing N N 281 
THR OXT HXT  sing N N 282 
TRP N   CA   sing N N 283 
TRP N   H    sing N N 284 
TRP N   H2   sing N N 285 
TRP CA  C    sing N N 286 
TRP CA  CB   sing N N 287 
TRP CA  HA   sing N N 288 
TRP C   O    doub N N 289 
TRP C   OXT  sing N N 290 
TRP CB  CG   sing N N 291 
TRP CB  HB2  sing N N 292 
TRP CB  HB3  sing N N 293 
TRP CG  CD1  doub Y N 294 
TRP CG  CD2  sing Y N 295 
TRP CD1 NE1  sing Y N 296 
TRP CD1 HD1  sing N N 297 
TRP CD2 CE2  doub Y N 298 
TRP CD2 CE3  sing Y N 299 
TRP NE1 CE2  sing Y N 300 
TRP NE1 HE1  sing N N 301 
TRP CE2 CZ2  sing Y N 302 
TRP CE3 CZ3  doub Y N 303 
TRP CE3 HE3  sing N N 304 
TRP CZ2 CH2  doub Y N 305 
TRP CZ2 HZ2  sing N N 306 
TRP CZ3 CH2  sing Y N 307 
TRP CZ3 HZ3  sing N N 308 
TRP CH2 HH2  sing N N 309 
TRP OXT HXT  sing N N 310 
TYR N   CA   sing N N 311 
TYR N   H    sing N N 312 
TYR N   H2   sing N N 313 
TYR CA  C    sing N N 314 
TYR CA  CB   sing N N 315 
TYR CA  HA   sing N N 316 
TYR C   O    doub N N 317 
TYR C   OXT  sing N N 318 
TYR CB  CG   sing N N 319 
TYR CB  HB2  sing N N 320 
TYR CB  HB3  sing N N 321 
TYR CG  CD1  doub Y N 322 
TYR CG  CD2  sing Y N 323 
TYR CD1 CE1  sing Y N 324 
TYR CD1 HD1  sing N N 325 
TYR CD2 CE2  doub Y N 326 
TYR CD2 HD2  sing N N 327 
TYR CE1 CZ   doub Y N 328 
TYR CE1 HE1  sing N N 329 
TYR CE2 CZ   sing Y N 330 
TYR CE2 HE2  sing N N 331 
TYR CZ  OH   sing N N 332 
TYR OH  HH   sing N N 333 
TYR OXT HXT  sing N N 334 
VAL N   CA   sing N N 335 
VAL N   H    sing N N 336 
VAL N   H2   sing N N 337 
VAL CA  C    sing N N 338 
VAL CA  CB   sing N N 339 
VAL CA  HA   sing N N 340 
VAL C   O    doub N N 341 
VAL C   OXT  sing N N 342 
VAL CB  CG1  sing N N 343 
VAL CB  CG2  sing N N 344 
VAL CB  HB   sing N N 345 
VAL CG1 HG11 sing N N 346 
VAL CG1 HG12 sing N N 347 
VAL CG1 HG13 sing N N 348 
VAL CG2 HG21 sing N N 349 
VAL CG2 HG22 sing N N 350 
VAL CG2 HG23 sing N N 351 
VAL OXT HXT  sing N N 352 
# 
_em_image_processing.id                   1 
_em_image_processing.image_recording_id   1 
_em_image_processing.details              ? 
# 
_em_image_recording.avg_electron_dose_per_image   24 
_em_image_recording.details                       ? 
_em_image_recording.id                            1 
_em_image_recording.film_or_detector_model        'KODAK SO-163 FILM' 
_em_image_recording.imaging_id                    1 
_em_image_recording.detector_mode                 ? 
_em_image_recording.average_exposure_time         ? 
_em_image_recording.num_diffraction_images        ? 
_em_image_recording.num_grids_imaged              ? 
_em_image_recording.num_real_images               ? 
# 
loop_
_em_software.id 
_em_software.name 
_em_software.version 
_em_software.category 
_em_software.details 
_em_software.image_processing_id 
1 EM3DR ? RECONSTRUCTION ? 1 
2 EMPFT ? RECONSTRUCTION ? 1 
# 
_em_specimen.experiment_id           1 
_em_specimen.id                      1 
_em_specimen.concentration           2 
_em_specimen.vitrification_applied   YES 
_em_specimen.staining_applied        NO 
_em_specimen.embedding_applied       NO 
_em_specimen.shadowing_applied       NO 
_em_specimen.details                 ? 
# 
_pdbx_initial_refinement_model.id               1 
_pdbx_initial_refinement_model.type             'experimental model' 
_pdbx_initial_refinement_model.source_name      PDB 
_pdbx_initial_refinement_model.accession_code   1OJV 
# 
_atom_sites.entry_id                    2QZF 
_atom_sites.fract_transf_matrix[1][1]   1.000000 
_atom_sites.fract_transf_matrix[1][2]   0.000000 
_atom_sites.fract_transf_matrix[1][3]   0.000000 
_atom_sites.fract_transf_matrix[2][1]   0.000000 
_atom_sites.fract_transf_matrix[2][2]   1.000000 
_atom_sites.fract_transf_matrix[2][3]   0.000000 
_atom_sites.fract_transf_matrix[3][1]   0.000000 
_atom_sites.fract_transf_matrix[3][2]   0.000000 
_atom_sites.fract_transf_matrix[3][3]   1.000000 
_atom_sites.fract_transf_vector[1]      0.00000 
_atom_sites.fract_transf_vector[2]      0.00000 
_atom_sites.fract_transf_vector[3]      0.00000 
# 
loop_
_atom_type.symbol 
C 
N 
O 
S 
# 
loop_
_atom_site.group_PDB 
_atom_site.id 
_atom_site.type_symbol 
_atom_site.label_atom_id 
_atom_site.label_alt_id 
_atom_site.label_comp_id 
_atom_site.label_asym_id 
_atom_site.label_entity_id 
_atom_site.label_seq_id 
_atom_site.pdbx_PDB_ins_code 
_atom_site.Cartn_x 
_atom_site.Cartn_y 
_atom_site.Cartn_z 
_atom_site.occupancy 
_atom_site.B_iso_or_equiv 
_atom_site.pdbx_formal_charge 
_atom_site.auth_seq_id 
_atom_site.auth_comp_id 
_atom_site.auth_asym_id 
_atom_site.auth_atom_id 
_atom_site.pdbx_PDB_model_num 
ATOM 1   N N   . MET A 1 1  ? 4.705   -10.561 14.848  1.00 118.70 ? 1001 MET A N   1 
ATOM 2   C CA  . MET A 1 1  ? 6.007   -10.871 14.258  1.00 110.00 ? 1001 MET A CA  1 
ATOM 3   C C   . MET A 1 1  ? 6.501   -9.709  13.405  1.00 97.28  ? 1001 MET A C   1 
ATOM 4   O O   . MET A 1 1  ? 5.709   -8.932  12.874  1.00 92.64  ? 1001 MET A O   1 
ATOM 5   C CB  . MET A 1 1  ? 5.925   -12.145 13.410  1.00 111.13 ? 1001 MET A CB  1 
ATOM 6   C CG  . MET A 1 1  ? 5.889   -11.888 11.910  1.00 100.46 ? 1001 MET A CG  1 
ATOM 7   S SD  . MET A 1 1  ? 5.637   -13.393 10.951  1.00 103.94 ? 1001 MET A SD  1 
ATOM 8   C CE  . MET A 1 1  ? 4.037   -13.049 10.186  1.00 105.86 ? 1001 MET A CE  1 
ATOM 9   N N   . GLN A 1 2  ? 7.816   -9.612  13.261  1.00 92.41  ? 1002 GLN A N   1 
ATOM 10  C CA  . GLN A 1 2  ? 8.431   -8.536  12.489  1.00 80.64  ? 1002 GLN A CA  1 
ATOM 11  C C   . GLN A 1 2  ? 7.975   -8.478  11.021  1.00 69.27  ? 1002 GLN A C   1 
ATOM 12  O O   . GLN A 1 2  ? 8.747   -8.065  10.149  1.00 62.77  ? 1002 GLN A O   1 
ATOM 13  C CB  . GLN A 1 2  ? 9.958   -8.649  12.556  1.00 80.49  ? 1002 GLN A CB  1 
ATOM 14  C CG  . GLN A 1 2  ? 10.466  -9.902  13.276  1.00 90.90  ? 1002 GLN A CG  1 
ATOM 15  C CD  . GLN A 1 2  ? 10.084  -11.192 12.564  1.00 89.45  ? 1002 GLN A CD  1 
ATOM 16  O OE1 . GLN A 1 2  ? 10.530  -11.456 11.445  1.00 82.28  ? 1002 GLN A OE1 1 
ATOM 17  N NE2 . GLN A 1 2  ? 9.277   -12.015 13.224  1.00 99.54  ? 1002 GLN A NE2 1 
ATOM 18  N N   . ASP A 1 3  ? 6.722   -8.866  10.760  1.00 71.81  ? 1003 ASP A N   1 
ATOM 19  C CA  . ASP A 1 3  ? 6.179   -8.898  9.386   1.00 66.31  ? 1003 ASP A CA  1 
ATOM 20  C C   . ASP A 1 3  ? 4.699   -8.492  9.306   1.00 69.55  ? 1003 ASP A C   1 
ATOM 21  O O   . ASP A 1 3  ? 3.883   -8.898  10.129  1.00 81.64  ? 1003 ASP A O   1 
ATOM 22  C CB  . ASP A 1 3  ? 6.342   -10.303 8.779   1.00 69.19  ? 1003 ASP A CB  1 
ATOM 23  C CG  . ASP A 1 3  ? 7.587   -10.436 7.916   1.00 60.27  ? 1003 ASP A CG  1 
ATOM 24  O OD1 . ASP A 1 3  ? 7.460   -10.859 6.753   1.00 56.48  ? 1003 ASP A OD1 1 
ATOM 25  O OD2 . ASP A 1 3  ? 8.698   -10.225 8.432   1.00 58.78  ? 1003 ASP A OD2 1 
ATOM 26  N N   . CYS A 1 4  ? 4.358   -7.749  8.264   1.00 62.98  ? 1004 CYS A N   1 
ATOM 27  C CA  . CYS A 1 4  ? 2.980   -7.349  8.002   1.00 68.60  ? 1004 CYS A CA  1 
ATOM 28  C C   . CYS A 1 4  ? 2.391   -8.345  7.026   1.00 71.60  ? 1004 CYS A C   1 
ATOM 29  O O   . CYS A 1 4  ? 3.122   -8.988  6.275   1.00 66.38  ? 1004 CYS A O   1 
ATOM 30  C CB  . CYS A 1 4  ? 2.925   -5.962  7.356   1.00 59.30  ? 1004 CYS A CB  1 
ATOM 31  S SG  . CYS A 1 4  ? 3.263   -4.570  8.469   1.00 60.80  ? 1004 CYS A SG  1 
ATOM 32  N N   . GLY A 1 5  ? 1.067   -8.429  7.003   1.00 83.26  ? 1005 GLY A N   1 
ATOM 33  C CA  . GLY A 1 5  ? 0.375   -9.280  6.048   1.00 89.88  ? 1005 GLY A CA  1 
ATOM 34  C C   . GLY A 1 5  ? 0.066   -8.442  4.820   1.00 83.65  ? 1005 GLY A C   1 
ATOM 35  O O   . GLY A 1 5  ? 0.769   -7.472  4.534   1.00 72.54  ? 1005 GLY A O   1 
ATOM 36  N N   . LEU A 1 6  ? -1.008  -8.785  4.120   1.00 93.99  ? 1006 LEU A N   1 
ATOM 37  C CA  . LEU A 1 6  ? -1.414  -8.039  2.935   1.00 91.18  ? 1006 LEU A CA  1 
ATOM 38  C C   . LEU A 1 6  ? -1.717  -6.590  3.290   1.00 83.67  ? 1006 LEU A C   1 
ATOM 39  O O   . LEU A 1 6  ? -2.337  -6.304  4.315   1.00 89.79  ? 1006 LEU A O   1 
ATOM 40  C CB  . LEU A 1 6  ? -2.641  -8.687  2.286   1.00 104.57 ? 1006 LEU A CB  1 
ATOM 41  C CG  . LEU A 1 6  ? -2.475  -10.119 1.768   1.00 113.20 ? 1006 LEU A CG  1 
ATOM 42  C CD1 . LEU A 1 6  ? -3.752  -10.592 1.077   1.00 125.53 ? 1006 LEU A CD1 1 
ATOM 43  C CD2 . LEU A 1 6  ? -1.286  -10.227 0.826   1.00 104.34 ? 1006 LEU A CD2 1 
ATOM 44  N N   . PRO A 1 7  ? -1.277  -5.674  2.431   1.00 71.52  ? 1007 PRO A N   1 
ATOM 45  C CA  . PRO A 1 7  ? -1.543  -4.249  2.623   1.00 63.51  ? 1007 PRO A CA  1 
ATOM 46  C C   . PRO A 1 7  ? -3.032  -3.959  2.405   1.00 70.59  ? 1007 PRO A C   1 
ATOM 47  O O   . PRO A 1 7  ? -3.760  -4.775  1.837   1.00 81.03  ? 1007 PRO A O   1 
ATOM 48  C CB  . PRO A 1 7  ? -0.696  -3.580  1.531   1.00 52.24  ? 1007 PRO A CB  1 
ATOM 49  C CG  . PRO A 1 7  ? -0.489  -4.636  0.503   1.00 58.35  ? 1007 PRO A CG  1 
ATOM 50  C CD  . PRO A 1 7  ? -0.412  -5.928  1.264   1.00 67.03  ? 1007 PRO A CD  1 
ATOM 51  N N   . PRO A 1 8  ? -3.483  -2.808  2.896   1.00 69.69  ? 1008 PRO A N   1 
ATOM 52  C CA  . PRO A 1 8  ? -4.895  -2.443  2.825   1.00 80.50  ? 1008 PRO A CA  1 
ATOM 53  C C   . PRO A 1 8  ? -5.423  -2.398  1.396   1.00 77.37  ? 1008 PRO A C   1 
ATOM 54  O O   . PRO A 1 8  ? -4.669  -2.209  0.439   1.00 68.13  ? 1008 PRO A O   1 
ATOM 55  C CB  . PRO A 1 8  ? -4.934  -1.039  3.447   1.00 77.50  ? 1008 PRO A CB  1 
ATOM 56  C CG  . PRO A 1 8  ? -3.597  -0.846  4.110   1.00 69.96  ? 1008 PRO A CG  1 
ATOM 57  C CD  . PRO A 1 8  ? -2.643  -1.687  3.353   1.00 60.40  ? 1008 PRO A CD  1 
ATOM 58  N N   . ASP A 1 9  ? -6.736  -2.552  1.269   1.00 90.91  ? 1009 ASP A N   1 
ATOM 59  C CA  . ASP A 1 9  ? -7.389  -2.485  -0.025  1.00 94.69  ? 1009 ASP A CA  1 
ATOM 60  C C   . ASP A 1 9  ? -7.781  -1.040  -0.292  1.00 92.07  ? 1009 ASP A C   1 
ATOM 61  O O   . ASP A 1 9  ? -8.549  -0.449  0.461   1.00 100.19 ? 1009 ASP A O   1 
ATOM 62  C CB  . ASP A 1 9  ? -8.633  -3.380  -0.027  1.00 110.61 ? 1009 ASP A CB  1 
ATOM 63  C CG  . ASP A 1 9  ? -9.414  -3.304  -1.333  1.00 117.99 ? 1009 ASP A CG  1 
ATOM 64  O OD1 . ASP A 1 9  ? -10.538 -3.849  -1.389  1.00 130.02 ? 1009 ASP A OD1 1 
ATOM 65  O OD2 . ASP A 1 9  ? -8.904  -2.708  -2.306  1.00 111.84 ? 1009 ASP A OD2 1 
ATOM 66  N N   . VAL A 1 10 ? -7.197  -0.455  -1.330  1.00 81.84  ? 1010 VAL A N   1 
ATOM 67  C CA  . VAL A 1 10 ? -7.519  0.913   -1.711  1.00 79.46  ? 1010 VAL A CA  1 
ATOM 68  C C   . VAL A 1 10 ? -8.417  0.881   -2.949  1.00 92.71  ? 1010 VAL A C   1 
ATOM 69  O O   . VAL A 1 10 ? -8.137  0.160   -3.907  1.00 95.57  ? 1010 VAL A O   1 
ATOM 70  C CB  . VAL A 1 10 ? -6.250  1.731   -2.020  1.00 61.63  ? 1010 VAL A CB  1 
ATOM 71  C CG1 . VAL A 1 10 ? -6.626  3.134   -2.473  1.00 60.85  ? 1010 VAL A CG1 1 
ATOM 72  C CG2 . VAL A 1 10 ? -5.335  1.773   -0.807  1.00 51.40  ? 1010 VAL A CG2 1 
ATOM 73  N N   . PRO A 1 11 ? -9.514  1.629   -2.906  1.00 101.81 ? 1011 PRO A N   1 
ATOM 74  C CA  . PRO A 1 11 ? -10.466 1.639   -4.014  1.00 114.58 ? 1011 PRO A CA  1 
ATOM 75  C C   . PRO A 1 11 ? -9.861  2.239   -5.278  1.00 106.62 ? 1011 PRO A C   1 
ATOM 76  O O   . PRO A 1 11 ? -9.314  3.344   -5.252  1.00 93.36  ? 1011 PRO A O   1 
ATOM 77  C CB  . PRO A 1 11 ? -11.594 2.531   -3.496  1.00 124.22 ? 1011 PRO A CB  1 
ATOM 78  C CG  . PRO A 1 11 ? -11.568 2.335   -2.005  1.00 125.15 ? 1011 PRO A CG  1 
ATOM 79  C CD  . PRO A 1 11 ? -10.141 2.007   -1.625  1.00 108.91 ? 1011 PRO A CD  1 
ATOM 80  N N   . ASN A 1 12 ? -9.959  1.503   -6.381  1.00 115.74 ? 1012 ASN A N   1 
ATOM 81  C CA  . ASN A 1 12 ? -9.483  1.985   -7.669  1.00 112.56 ? 1012 ASN A CA  1 
ATOM 82  C C   . ASN A 1 12 ? -7.964  2.039   -7.794  1.00 97.93  ? 1012 ASN A C   1 
ATOM 83  O O   . ASN A 1 12 ? -7.429  2.661   -8.714  1.00 93.75  ? 1012 ASN A O   1 
ATOM 84  C CB  . ASN A 1 12 ? -10.117 3.336   -7.998  1.00 108.47 ? 1012 ASN A CB  1 
ATOM 85  C CG  . ASN A 1 12 ? -11.634 3.269   -8.008  1.00 121.96 ? 1012 ASN A CG  1 
ATOM 86  O OD1 . ASN A 1 12 ? -12.207 2.321   -8.539  1.00 133.15 ? 1012 ASN A OD1 1 
ATOM 87  N ND2 . ASN A 1 12 ? -12.280 4.200   -7.310  1.00 121.54 ? 1012 ASN A ND2 1 
ATOM 88  N N   . ALA A 1 13 ? -7.278  1.338   -6.897  1.00 93.04  ? 1013 ALA A N   1 
ATOM 89  C CA  . ALA A 1 13 ? -5.824  1.240   -6.939  1.00 82.58  ? 1013 ALA A CA  1 
ATOM 90  C C   . ALA A 1 13 ? -5.398  -0.197  -6.699  1.00 87.39  ? 1013 ALA A C   1 
ATOM 91  O O   . ALA A 1 13 ? -6.135  -0.979  -6.095  1.00 93.55  ? 1013 ALA A O   1 
ATOM 92  C CB  . ALA A 1 13 ? -5.189  2.167   -5.904  1.00 64.28  ? 1013 ALA A CB  1 
ATOM 93  N N   . GLN A 1 14 ? -4.219  -0.549  -7.203  1.00 84.21  ? 1014 GLN A N   1 
ATOM 94  C CA  . GLN A 1 14 ? -3.659  -1.886  -7.019  1.00 86.94  ? 1014 GLN A CA  1 
ATOM 95  C C   . GLN A 1 14 ? -2.221  -1.769  -6.539  1.00 74.63  ? 1014 GLN A C   1 
ATOM 96  O O   . GLN A 1 14 ? -1.415  -1.053  -7.136  1.00 73.11  ? 1014 GLN A O   1 
ATOM 97  C CB  . GLN A 1 14 ? -3.698  -2.676  -8.330  1.00 99.80  ? 1014 GLN A CB  1 
ATOM 98  C CG  . GLN A 1 14 ? -5.034  -3.332  -8.621  1.00 111.41 ? 1014 GLN A CG  1 
ATOM 99  C CD  . GLN A 1 14 ? -5.499  -4.226  -7.491  1.00 111.14 ? 1014 GLN A CD  1 
ATOM 100 O OE1 . GLN A 1 14 ? -4.697  -4.889  -6.837  1.00 105.64 ? 1014 GLN A OE1 1 
ATOM 101 N NE2 . GLN A 1 14 ? -6.805  -4.240  -7.250  1.00 117.95 ? 1014 GLN A NE2 1 
ATOM 102 N N   . PRO A 1 15 ? -1.898  -2.478  -5.464  1.00 70.17  ? 1015 PRO A N   1 
ATOM 103 C CA  . PRO A 1 15 ? -0.542  -2.443  -4.915  1.00 61.03  ? 1015 PRO A CA  1 
ATOM 104 C C   . PRO A 1 15 ? 0.402   -3.332  -5.707  1.00 67.44  ? 1015 PRO A C   1 
ATOM 105 O O   . PRO A 1 15 ? -0.025  -4.285  -6.355  1.00 77.58  ? 1015 PRO A O   1 
ATOM 106 C CB  . PRO A 1 15 ? -0.719  -2.994  -3.492  1.00 55.61  ? 1015 PRO A CB  1 
ATOM 107 C CG  . PRO A 1 15 ? -1.955  -3.824  -3.558  1.00 68.42  ? 1015 PRO A CG  1 
ATOM 108 C CD  . PRO A 1 15 ? -2.849  -3.155  -4.565  1.00 72.43  ? 1015 PRO A CD  1 
ATOM 109 N N   . ALA A 1 16 ? 1.688   -3.007  -5.661  1.00 63.39  ? 1016 ALA A N   1 
ATOM 110 C CA  . ALA A 1 16 ? 2.701   -3.836  -6.288  1.00 69.85  ? 1016 ALA A CA  1 
ATOM 111 C C   . ALA A 1 16 ? 3.344   -4.665  -5.184  1.00 66.51  ? 1016 ALA A C   1 
ATOM 112 O O   . ALA A 1 16 ? 3.999   -4.121  -4.290  1.00 59.01  ? 1016 ALA A O   1 
ATOM 113 C CB  . ALA A 1 16 ? 3.736   -2.974  -6.992  1.00 70.00  ? 1016 ALA A CB  1 
ATOM 114 N N   . LEU A 1 17 ? 3.058   -5.965  -5.178  1.00 73.77  ? 1017 LEU A N   1 
ATOM 115 C CA  . LEU A 1 17 ? 3.517   -6.854  -4.118  1.00 71.75  ? 1017 LEU A CA  1 
ATOM 116 C C   . LEU A 1 17 ? 4.732   -7.694  -4.507  1.00 75.35  ? 1017 LEU A C   1 
ATOM 117 O O   . LEU A 1 17 ? 5.375   -8.308  -3.650  1.00 71.86  ? 1017 LEU A O   1 
ATOM 118 C CB  . LEU A 1 17 ? 2.375   -7.767  -3.669  1.00 77.25  ? 1017 LEU A CB  1 
ATOM 119 C CG  . LEU A 1 17 ? 1.023   -7.088  -3.438  1.00 78.35  ? 1017 LEU A CG  1 
ATOM 120 C CD1 . LEU A 1 17 ? -0.007  -8.104  -2.989  1.00 87.91  ? 1017 LEU A CD1 1 
ATOM 121 C CD2 . LEU A 1 17 ? 1.143   -5.962  -2.425  1.00 66.82  ? 1017 LEU A CD2 1 
ATOM 122 N N   . GLU A 1 18 ? 5.023   -7.701  -5.803  1.00 82.17  ? 1018 GLU A N   1 
ATOM 123 C CA  . GLU A 1 18 ? 6.180   -8.400  -6.354  1.00 89.12  ? 1018 GLU A CA  1 
ATOM 124 C C   . GLU A 1 18 ? 6.233   -9.875  -6.004  1.00 90.25  ? 1018 GLU A C   1 
ATOM 125 O O   . GLU A 1 18 ? 7.309   -10.447 -5.851  1.00 91.26  ? 1018 GLU A O   1 
ATOM 126 C CB  . GLU A 1 18 ? 7.476   -7.690  -5.960  1.00 86.16  ? 1018 GLU A CB  1 
ATOM 127 C CG  . GLU A 1 18 ? 7.359   -6.168  -5.962  1.00 81.05  ? 1018 GLU A CG  1 
ATOM 128 C CD  . GLU A 1 18 ? 8.606   -5.485  -6.473  1.00 87.58  ? 1018 GLU A CD  1 
ATOM 129 O OE1 . GLU A 1 18 ? 9.615   -5.449  -5.734  1.00 86.96  ? 1018 GLU A OE1 1 
ATOM 130 O OE2 . GLU A 1 18 ? 8.565   -4.951  -7.602  1.00 94.10  ? 1018 GLU A OE2 1 
ATOM 131 N N   . GLY A 1 19 ? 5.067   -10.502 -5.930  1.00 92.00  ? 1019 GLY A N   1 
ATOM 132 C CA  . GLY A 1 19 ? 4.992   -11.945 -5.747  1.00 94.94  ? 1019 GLY A CA  1 
ATOM 133 C C   . GLY A 1 19 ? 5.007   -12.470 -4.320  1.00 87.34  ? 1019 GLY A C   1 
ATOM 134 O O   . GLY A 1 19 ? 5.126   -13.674 -4.117  1.00 90.56  ? 1019 GLY A O   1 
ATOM 135 N N   . ARG A 1 20 ? 4.856   -11.588 -3.325  1.00 81.19  ? 1020 ARG A N   1 
ATOM 136 C CA  . ARG A 1 20 ? 4.813   -12.038 -1.917  1.00 76.87  ? 1020 ARG A CA  1 
ATOM 137 C C   . ARG A 1 20 ? 3.555   -11.634 -1.123  1.00 78.53  ? 1020 ARG A C   1 
ATOM 138 O O   . ARG A 1 20 ? 2.792   -10.771 -1.560  1.00 81.53  ? 1020 ARG A O   1 
ATOM 139 C CB  . ARG A 1 20 ? 6.120   -11.734 -1.165  1.00 67.32  ? 1020 ARG A CB  1 
ATOM 140 C CG  . ARG A 1 20 ? 6.382   -10.265 -0.846  1.00 59.99  ? 1020 ARG A CG  1 
ATOM 141 C CD  . ARG A 1 20 ? 7.596   -10.126 0.082   1.00 54.51  ? 1020 ARG A CD  1 
ATOM 142 N NE  . ARG A 1 20 ? 8.223   -8.801  0.031   1.00 51.06  ? 1020 ARG A NE  1 
ATOM 143 C CZ  . ARG A 1 20 ? 9.321   -8.476  0.708   1.00 49.58  ? 1020 ARG A CZ  1 
ATOM 144 N NH1 . ARG A 1 20 ? 9.914   -9.383  1.464   1.00 50.15  ? 1020 ARG A NH1 1 
ATOM 145 N NH2 . ARG A 1 20 ? 9.834   -7.257  0.631   1.00 50.76  ? 1020 ARG A NH2 1 
ATOM 146 N N   . THR A 1 21 ? 3.319   -12.332 -0.004  1.00 80.64  ? 1021 THR A N   1 
ATOM 147 C CA  . THR A 1 21 ? 2.128   -12.219 0.838   1.00 86.81  ? 1021 THR A CA  1 
ATOM 148 C C   . THR A 1 21 ? 2.503   -11.787 2.251   1.00 81.05  ? 1021 THR A C   1 
ATOM 149 O O   . THR A 1 21 ? 1.637   -11.483 3.080   1.00 86.67  ? 1021 THR A O   1 
ATOM 150 C CB  . THR A 1 21 ? 1.341   -13.550 0.887   1.00 100.59 ? 1021 THR A CB  1 
ATOM 151 O OG1 . THR A 1 21 ? 2.245   -14.631 1.130   1.00 98.89  ? 1021 THR A OG1 1 
ATOM 152 C CG2 . THR A 1 21 ? 0.613   -13.795 -0.438  1.00 109.05 ? 1021 THR A CG2 1 
ATOM 153 N N   . SER A 1 22 ? 3.800   -11.754 2.511   1.00 71.13  ? 1022 SER A N   1 
ATOM 154 C CA  . SER A 1 22 ? 4.323   -11.343 3.806   1.00 65.54  ? 1022 SER A CA  1 
ATOM 155 C C   . SER A 1 22 ? 5.414   -10.309 3.566   1.00 54.68  ? 1022 SER A C   1 
ATOM 156 O O   . SER A 1 22 ? 6.180   -10.416 2.612   1.00 52.50  ? 1022 SER A O   1 
ATOM 157 C CB  . SER A 1 22 ? 4.893   -12.545 4.563   1.00 70.29  ? 1022 SER A CB  1 
ATOM 158 O OG  . SER A 1 22 ? 5.246   -12.185 5.886   1.00 69.99  ? 1022 SER A OG  1 
ATOM 159 N N   . PHE A 1 23 ? 5.433   -9.264  4.387   1.00 51.41  ? 1023 PHE A N   1 
ATOM 160 C CA  . PHE A 1 23 ? 6.381   -8.169  4.201   1.00 41.92  ? 1023 PHE A CA  1 
ATOM 161 C C   . PHE A 1 23 ? 7.016   -7.768  5.517   1.00 43.11  ? 1023 PHE A C   1 
ATOM 162 O O   . PHE A 1 23 ? 6.336   -7.651  6.536   1.00 46.61  ? 1023 PHE A O   1 
ATOM 163 C CB  . PHE A 1 23 ? 5.684   -6.966  3.558   1.00 41.60  ? 1023 PHE A CB  1 
ATOM 164 C CG  . PHE A 1 23 ? 4.773   -7.333  2.426   1.00 46.95  ? 1023 PHE A CG  1 
ATOM 165 C CD1 . PHE A 1 23 ? 5.190   -7.197  1.113   1.00 47.57  ? 1023 PHE A CD1 1 
ATOM 166 C CD2 . PHE A 1 23 ? 3.510   -7.852  2.674   1.00 53.86  ? 1023 PHE A CD2 1 
ATOM 167 C CE1 . PHE A 1 23 ? 4.352   -7.552  0.062   1.00 54.68  ? 1023 PHE A CE1 1 
ATOM 168 C CE2 . PHE A 1 23 ? 2.672   -8.202  1.629   1.00 62.94  ? 1023 PHE A CE2 1 
ATOM 169 C CZ  . PHE A 1 23 ? 3.096   -8.052  0.325   1.00 62.37  ? 1023 PHE A CZ  1 
ATOM 170 N N   . PRO A 1 24 ? 8.330   -7.579  5.491   1.00 41.94  ? 1024 PRO A N   1 
ATOM 171 C CA  . PRO A 1 24 ? 9.079   -7.228  6.698   1.00 44.98  ? 1024 PRO A CA  1 
ATOM 172 C C   . PRO A 1 24 ? 8.879   -5.771  7.088   1.00 46.97  ? 1024 PRO A C   1 
ATOM 173 O O   . PRO A 1 24 ? 8.604   -4.920  6.244   1.00 43.92  ? 1024 PRO A O   1 
ATOM 174 C CB  . PRO A 1 24 ? 10.538  -7.471  6.289   1.00 48.44  ? 1024 PRO A CB  1 
ATOM 175 C CG  . PRO A 1 24 ? 10.544  -7.366  4.807   1.00 46.94  ? 1024 PRO A CG  1 
ATOM 176 C CD  . PRO A 1 24 ? 9.215   -7.885  4.354   1.00 42.80  ? 1024 PRO A CD  1 
ATOM 177 N N   . GLU A 1 25 ? 9.037   -5.490  8.369   1.00 52.32  ? 1025 GLU A N   1 
ATOM 178 C CA  . GLU A 1 25 ? 8.922   -4.139  8.869   1.00 55.73  ? 1025 GLU A CA  1 
ATOM 179 C C   . GLU A 1 25 ? 9.657   -3.136  7.981   1.00 59.46  ? 1025 GLU A C   1 
ATOM 180 O O   . GLU A 1 25 ? 10.727  -3.440  7.454   1.00 61.39  ? 1025 GLU A O   1 
ATOM 181 C CB  . GLU A 1 25 ? 9.499   -4.086  10.270  1.00 62.29  ? 1025 GLU A CB  1 
ATOM 182 C CG  . GLU A 1 25 ? 8.714   -3.220  11.181  1.00 67.60  ? 1025 GLU A CG  1 
ATOM 183 C CD  . GLU A 1 25 ? 9.573   -2.136  11.790  1.00 76.60  ? 1025 GLU A CD  1 
ATOM 184 O OE1 . GLU A 1 25 ? 9.286   -1.728  12.943  1.00 82.24  ? 1025 GLU A OE1 1 
ATOM 185 O OE2 . GLU A 1 25 ? 10.548  -1.738  11.139  1.00 79.13  ? 1025 GLU A OE2 1 
ATOM 186 N N   . ASP A 1 26 ? 9.069   -1.947  7.808   1.00 61.10  ? 1026 ASP A N   1 
ATOM 187 C CA  . ASP A 1 26 ? 9.690   -0.883  7.023   1.00 68.08  ? 1026 ASP A CA  1 
ATOM 188 C C   . ASP A 1 26 ? 9.551   -1.056  5.520   1.00 63.94  ? 1026 ASP A C   1 
ATOM 189 O O   . ASP A 1 26 ? 10.056  -0.242  4.748   1.00 70.72  ? 1026 ASP A O   1 
ATOM 190 C CB  . ASP A 1 26 ? 11.159  -0.750  7.396   1.00 79.36  ? 1026 ASP A CB  1 
ATOM 191 C CG  . ASP A 1 26 ? 11.368  0.131   8.591   1.00 88.55  ? 1026 ASP A CG  1 
ATOM 192 O OD1 . ASP A 1 26 ? 11.179  1.351   8.498   1.00 95.69  ? 1026 ASP A OD1 1 
ATOM 193 O OD2 . ASP A 1 26 ? 11.674  -0.429  9.663   1.00 89.56  ? 1026 ASP A OD2 1 
ATOM 194 N N   . THR A 1 27 ? 8.894   -2.133  5.108   1.00 53.45  ? 1027 THR A N   1 
ATOM 195 C CA  . THR A 1 27 ? 8.635   -2.370  3.694   1.00 48.64  ? 1027 THR A CA  1 
ATOM 196 C C   . THR A 1 27 ? 7.648   -1.322  3.197   1.00 47.81  ? 1027 THR A C   1 
ATOM 197 O O   . THR A 1 27 ? 6.646   -1.044  3.850   1.00 44.33  ? 1027 THR A O   1 
ATOM 198 C CB  . THR A 1 27 ? 8.034   -3.775  3.457   1.00 42.33  ? 1027 THR A CB  1 
ATOM 199 O OG1 . THR A 1 27 ? 9.076   -4.761  3.537   1.00 43.88  ? 1027 THR A OG1 1 
ATOM 200 C CG2 . THR A 1 27 ? 7.365   -3.853  2.087   1.00 39.53  ? 1027 THR A CG2 1 
ATOM 201 N N   . VAL A 1 28 ? 7.969   -0.693  2.076   1.00 52.13  ? 1028 VAL A N   1 
ATOM 202 C CA  . VAL A 1 28 ? 7.109   0.327   1.498   1.00 50.75  ? 1028 VAL A CA  1 
ATOM 203 C C   . VAL A 1 28 ? 6.425   -0.204  0.256   1.00 42.42  ? 1028 VAL A C   1 
ATOM 204 O O   . VAL A 1 28 ? 7.084   -0.635  -0.695  1.00 47.53  ? 1028 VAL A O   1 
ATOM 205 C CB  . VAL A 1 28 ? 7.894   1.585   1.120   1.00 65.18  ? 1028 VAL A CB  1 
ATOM 206 C CG1 . VAL A 1 28 ? 7.022   2.516   0.287   1.00 64.90  ? 1028 VAL A CG1 1 
ATOM 207 C CG2 . VAL A 1 28 ? 8.403   2.287   2.369   1.00 76.29  ? 1028 VAL A CG2 1 
ATOM 208 N N   . ILE A 1 29 ? 5.097   -0.172  0.261   1.00 38.14  ? 1029 ILE A N   1 
ATOM 209 C CA  . ILE A 1 29 ? 4.343   -0.656  -0.879  1.00 34.47  ? 1029 ILE A CA  1 
ATOM 210 C C   . ILE A 1 29 ? 3.609   0.470   -1.600  1.00 36.51  ? 1029 ILE A C   1 
ATOM 211 O O   . ILE A 1 29 ? 2.888   1.257   -0.982  1.00 33.01  ? 1029 ILE A O   1 
ATOM 212 C CB  . ILE A 1 29 ? 3.399   -1.812  -0.493  1.00 35.64  ? 1029 ILE A CB  1 
ATOM 213 C CG1 . ILE A 1 29 ? 4.210   -3.109  -0.358  1.00 38.44  ? 1029 ILE A CG1 1 
ATOM 214 C CG2 . ILE A 1 29 ? 2.292   -1.985  -1.538  1.00 38.21  ? 1029 ILE A CG2 1 
ATOM 215 C CD1 . ILE A 1 29 ? 3.656   -4.070  0.667   1.00 39.74  ? 1029 ILE A CD1 1 
ATOM 216 N N   . THR A 1 30 ? 3.858   0.577   -2.903  1.00 41.61  ? 1030 THR A N   1 
ATOM 217 C CA  . THR A 1 30 ? 3.265   1.625   -3.724  1.00 42.93  ? 1030 THR A CA  1 
ATOM 218 C C   . THR A 1 30 ? 2.058   1.110   -4.504  1.00 41.53  ? 1030 THR A C   1 
ATOM 219 O O   . THR A 1 30 ? 2.062   -0.013  -5.005  1.00 47.45  ? 1030 THR A O   1 
ATOM 220 C CB  . THR A 1 30 ? 4.304   2.215   -4.705  1.00 52.77  ? 1030 THR A CB  1 
ATOM 221 O OG1 . THR A 1 30 ? 5.515   2.503   -3.998  1.00 58.53  ? 1030 THR A OG1 1 
ATOM 222 C CG2 . THR A 1 30 ? 3.786   3.493   -5.348  1.00 55.02  ? 1030 THR A CG2 1 
ATOM 223 N N   . TYR A 1 31 ? 1.022   1.939   -4.592  1.00 39.48  ? 1031 TYR A N   1 
ATOM 224 C CA  . TYR A 1 31 ? -0.190  1.585   -5.342  1.00 43.72  ? 1031 TYR A CA  1 
ATOM 225 C C   . TYR A 1 31 ? -0.228  2.329   -6.666  1.00 49.01  ? 1031 TYR A C   1 
ATOM 226 O O   . TYR A 1 31 ? 0.247   3.458   -6.766  1.00 47.55  ? 1031 TYR A O   1 
ATOM 227 C CB  . TYR A 1 31 ? -1.445  1.936   -4.544  1.00 39.53  ? 1031 TYR A CB  1 
ATOM 228 C CG  . TYR A 1 31 ? -1.650  1.107   -3.297  1.00 36.13  ? 1031 TYR A CG  1 
ATOM 229 C CD1 . TYR A 1 31 ? -2.703  0.207   -3.208  1.00 45.00  ? 1031 TYR A CD1 1 
ATOM 230 C CD2 . TYR A 1 31 ? -0.839  1.278   -2.188  1.00 30.67  ? 1031 TYR A CD2 1 
ATOM 231 C CE1 . TYR A 1 31 ? -2.916  -0.528  -2.056  1.00 46.67  ? 1031 TYR A CE1 1 
ATOM 232 C CE2 . TYR A 1 31 ? -1.049  0.559   -1.025  1.00 31.78  ? 1031 TYR A CE2 1 
ATOM 233 C CZ  . TYR A 1 31 ? -2.086  -0.345  -0.965  1.00 37.62  ? 1031 TYR A CZ  1 
ATOM 234 O OH  . TYR A 1 31 ? -2.290  -1.066  0.189   1.00 41.69  ? 1031 TYR A OH  1 
ATOM 235 N N   . LYS A 1 32 ? -0.805  1.691   -7.675  1.00 61.43  ? 1032 LYS A N   1 
ATOM 236 C CA  . LYS A 1 32 ? -0.979  2.315   -8.983  1.00 69.32  ? 1032 LYS A CA  1 
ATOM 237 C C   . LYS A 1 32 ? -2.473  2.410   -9.279  1.00 73.45  ? 1032 LYS A C   1 
ATOM 238 O O   . LYS A 1 32 ? -3.209  1.435   -9.104  1.00 82.26  ? 1032 LYS A O   1 
ATOM 239 C CB  . LYS A 1 32 ? -0.281  1.502   -10.078 1.00 82.14  ? 1032 LYS A CB  1 
ATOM 240 C CG  . LYS A 1 32 ? 1.182   1.864   -10.277 1.00 79.30  ? 1032 LYS A CG  1 
ATOM 241 C CD  . LYS A 1 32 ? 1.453   2.337   -11.697 1.00 90.86  ? 1032 LYS A CD  1 
ATOM 242 C CE  . LYS A 1 32 ? 2.901   2.784   -11.862 1.00 92.83  ? 1032 LYS A CE  1 
ATOM 243 N NZ  . LYS A 1 32 ? 3.302   2.864   -13.296 1.00 106.58 ? 1032 LYS A NZ  1 
ATOM 244 N N   . CYS A 1 33 ? -2.924  3.590   -9.680  1.00 68.69  ? 1033 CYS A N   1 
ATOM 245 C CA  . CYS A 1 33 ? -4.335  3.790   -9.987  1.00 74.09  ? 1033 CYS A CA  1 
ATOM 246 C C   . CYS A 1 33 ? -4.749  2.848   -11.101 1.00 94.16  ? 1033 CYS A C   1 
ATOM 247 O O   . CYS A 1 33 ? -3.947  2.515   -11.976 1.00 103.05 ? 1033 CYS A O   1 
ATOM 248 C CB  . CYS A 1 33 ? -4.605  5.236   -10.400 1.00 65.29  ? 1033 CYS A CB  1 
ATOM 249 S SG  . CYS A 1 33 ? -4.428  6.451   -9.053  1.00 43.91  ? 1033 CYS A SG  1 
ATOM 250 N N   . GLU A 1 34 ? -5.999  2.404   -11.063 1.00 102.72 ? 1034 GLU A N   1 
ATOM 251 C CA  . GLU A 1 34 ? -6.500  1.506   -12.093 1.00 120.50 ? 1034 GLU A CA  1 
ATOM 252 C C   . GLU A 1 34 ? -6.900  2.271   -13.353 1.00 124.01 ? 1034 GLU A C   1 
ATOM 253 O O   . GLU A 1 34 ? -6.918  3.506   -13.362 1.00 113.98 ? 1034 GLU A O   1 
ATOM 254 C CB  . GLU A 1 34 ? -7.667  0.666   -11.566 1.00 126.96 ? 1034 GLU A CB  1 
ATOM 255 C CG  . GLU A 1 34 ? -7.243  -0.409  -10.556 1.00 124.03 ? 1034 GLU A CG  1 
ATOM 256 C CD  . GLU A 1 34 ? -8.413  -0.984  -9.782  1.00 126.98 ? 1034 GLU A CD  1 
ATOM 257 O OE1 . GLU A 1 34 ? -9.552  -0.507  -9.975  1.00 128.37 ? 1034 GLU A OE1 1 
ATOM 258 O OE2 . GLU A 1 34 ? -8.195  -1.919  -8.985  1.00 127.65 ? 1034 GLU A OE2 1 
ATOM 259 N N   . GLU A 1 35 ? -7.189  1.516   -14.409 1.00 132.30 ? 1035 GLU A N   1 
ATOM 260 C CA  . GLU A 1 35 ? -7.607  2.059   -15.697 1.00 135.51 ? 1035 GLU A CA  1 
ATOM 261 C C   . GLU A 1 35 ? -8.691  3.103   -15.537 1.00 130.44 ? 1035 GLU A C   1 
ATOM 262 O O   . GLU A 1 35 ? -9.655  2.889   -14.806 1.00 129.24 ? 1035 GLU A O   1 
ATOM 263 C CB  . GLU A 1 35 ? -8.131  0.937   -16.586 1.00 138.66 ? 1035 GLU A CB  1 
ATOM 264 C CG  . GLU A 1 35 ? -7.491  0.864   -17.961 1.00 143.22 ? 1035 GLU A CG  1 
ATOM 265 C CD  . GLU A 1 35 ? -7.851  -0.414  -18.692 1.00 139.13 ? 1035 GLU A CD  1 
ATOM 266 O OE1 . GLU A 1 35 ? -8.879  -0.420  -19.398 1.00 130.52 ? 1035 GLU A OE1 1 
ATOM 267 O OE2 . GLU A 1 35 ? -7.151  -1.429  -18.498 1.00 142.60 ? 1035 GLU A OE2 1 
ATOM 268 N N   . SER A 1 36 ? -8.559  4.205   -16.266 1.00 130.02 ? 1036 SER A N   1 
ATOM 269 C CA  . SER A 1 36 ? -9.549  5.267   -16.230 1.00 126.54 ? 1036 SER A CA  1 
ATOM 270 C C   . SER A 1 36 ? -9.452  6.041   -14.942 1.00 113.50 ? 1036 SER A C   1 
ATOM 271 O O   . SER A 1 36 ? -10.378 6.768   -14.572 1.00 111.08 ? 1036 SER A O   1 
ATOM 272 C CB  . SER A 1 36 ? -10.958 4.686   -16.378 1.00 128.20 ? 1036 SER A CB  1 
ATOM 273 O OG  . SER A 1 36 ? -11.043 3.796   -17.489 1.00 130.28 ? 1036 SER A OG  1 
ATOM 274 N N   . PHE A 1 37 ? -8.351  5.841   -14.222 1.00 105.44 ? 1037 PHE A N   1 
ATOM 275 C CA  . PHE A 1 37 ? -8.107  6.560   -12.977 1.00 86.89  ? 1037 PHE A CA  1 
ATOM 276 C C   . PHE A 1 37 ? -6.730  7.212   -12.988 1.00 75.44  ? 1037 PHE A C   1 
ATOM 277 O O   . PHE A 1 37 ? -5.760  6.624   -13.478 1.00 83.73  ? 1037 PHE A O   1 
ATOM 278 C CB  . PHE A 1 37 ? -8.248  5.633   -11.760 1.00 89.18  ? 1037 PHE A CB  1 
ATOM 279 C CG  . PHE A 1 37 ? -9.679  5.374   -11.347 1.00 98.24  ? 1037 PHE A CG  1 
ATOM 280 C CD1 . PHE A 1 37 ? -10.340 4.235   -11.784 1.00 114.54 ? 1037 PHE A CD1 1 
ATOM 281 C CD2 . PHE A 1 37 ? -10.346 6.238   -10.490 1.00 91.11  ? 1037 PHE A CD2 1 
ATOM 282 C CE1 . PHE A 1 37 ? -11.640 3.977   -11.399 1.00 124.93 ? 1037 PHE A CE1 1 
ATOM 283 C CE2 . PHE A 1 37 ? -11.653 5.985   -10.100 1.00 106.49 ? 1037 PHE A CE2 1 
ATOM 284 C CZ  . PHE A 1 37 ? -12.298 4.851   -10.559 1.00 123.60 ? 1037 PHE A CZ  1 
ATOM 285 N N   . VAL A 1 38 ? -6.661  8.436   -12.465 1.00 58.37  ? 1038 VAL A N   1 
ATOM 286 C CA  . VAL A 1 38 ? -5.415  9.196   -12.366 1.00 48.99  ? 1038 VAL A CA  1 
ATOM 287 C C   . VAL A 1 38 ? -5.202  9.581   -10.910 1.00 33.31  ? 1038 VAL A C   1 
ATOM 288 O O   . VAL A 1 38 ? -6.158  9.939   -10.214 1.00 28.38  ? 1038 VAL A O   1 
ATOM 289 C CB  . VAL A 1 38 ? -5.466  10.494  -13.233 1.00 48.79  ? 1038 VAL A CB  1 
ATOM 290 C CG1 . VAL A 1 38 ? -4.107  11.212  -13.233 1.00 48.09  ? 1038 VAL A CG1 1 
ATOM 291 C CG2 . VAL A 1 38 ? -5.912  10.164  -14.655 1.00 67.81  ? 1038 VAL A CG2 1 
ATOM 292 N N   . LYS A 1 39 ? -3.960  9.466   -10.436 1.00 31.22  ? 1039 LYS A N   1 
ATOM 293 C CA  . LYS A 1 39 ? -3.651  9.811   -9.055  1.00 27.08  ? 1039 LYS A CA  1 
ATOM 294 C C   . LYS A 1 39 ? -3.845  11.293  -8.811  1.00 24.61  ? 1039 LYS A C   1 
ATOM 295 O O   . LYS A 1 39 ? -3.624  12.116  -9.703  1.00 25.12  ? 1039 LYS A O   1 
ATOM 296 C CB  . LYS A 1 39 ? -2.228  9.376   -8.675  1.00 32.99  ? 1039 LYS A CB  1 
ATOM 297 C CG  . LYS A 1 39 ? -1.115  10.252  -9.214  1.00 35.97  ? 1039 LYS A CG  1 
ATOM 298 C CD  . LYS A 1 39 ? 0.175   9.436   -9.399  1.00 46.52  ? 1039 LYS A CD  1 
ATOM 299 C CE  . LYS A 1 39 ? 1.051   9.445   -8.148  1.00 52.36  ? 1039 LYS A CE  1 
ATOM 300 N NZ  . LYS A 1 39 ? 2.506   9.320   -8.474  1.00 64.42  ? 1039 LYS A NZ  1 
ATOM 301 N N   . ILE A 1 40 ? -4.314  11.625  -7.617  1.00 28.17  ? 1040 ILE A N   1 
ATOM 302 C CA  . ILE A 1 40 ? -4.550  13.008  -7.253  1.00 34.20  ? 1040 ILE A CA  1 
ATOM 303 C C   . ILE A 1 40 ? -3.268  13.643  -6.717  1.00 46.29  ? 1040 ILE A C   1 
ATOM 304 O O   . ILE A 1 40 ? -2.716  13.202  -5.712  1.00 55.39  ? 1040 ILE A O   1 
ATOM 305 C CB  . ILE A 1 40 ? -5.656  13.127  -6.211  1.00 39.08  ? 1040 ILE A CB  1 
ATOM 306 C CG1 . ILE A 1 40 ? -6.950  12.496  -6.736  1.00 32.40  ? 1040 ILE A CG1 1 
ATOM 307 C CG2 . ILE A 1 40 ? -5.872  14.585  -5.849  1.00 50.16  ? 1040 ILE A CG2 1 
ATOM 308 C CD1 . ILE A 1 40 ? -7.982  12.240  -5.661  1.00 44.79  ? 1040 ILE A CD1 1 
ATOM 309 N N   . PRO A 1 41 ? -2.785  14.655  -7.421  1.00 47.58  ? 1041 PRO A N   1 
ATOM 310 C CA  . PRO A 1 41 ? -1.565  15.355  -7.030  1.00 62.46  ? 1041 PRO A CA  1 
ATOM 311 C C   . PRO A 1 41 ? -1.580  15.788  -5.558  1.00 80.13  ? 1041 PRO A C   1 
ATOM 312 O O   . PRO A 1 41 ? -2.590  16.283  -5.049  1.00 83.15  ? 1041 PRO A O   1 
ATOM 313 C CB  . PRO A 1 41 ? -1.560  16.582  -7.950  1.00 60.49  ? 1041 PRO A CB  1 
ATOM 314 C CG  . PRO A 1 41 ? -2.301  16.130  -9.168  1.00 47.15  ? 1041 PRO A CG  1 
ATOM 315 C CD  . PRO A 1 41 ? -3.365  15.198  -8.666  1.00 38.86  ? 1041 PRO A CD  1 
ATOM 316 N N   . GLY A 1 42 ? -0.447  15.593  -4.883  1.00 93.17  ? 1042 GLY A N   1 
ATOM 317 C CA  . GLY A 1 42 ? -0.304  15.962  -3.477  1.00 111.71 ? 1042 GLY A CA  1 
ATOM 318 C C   . GLY A 1 42 ? -0.914  14.931  -2.522  1.00 114.30 ? 1042 GLY A C   1 
ATOM 319 O O   . GLY A 1 42 ? -1.257  15.253  -1.387  1.00 128.74 ? 1042 GLY A O   1 
ATOM 320 N N   . GLU A 1 43 ? -1.031  13.690  -2.984  1.00 99.73  ? 1043 GLU A N   1 
ATOM 321 C CA  . GLU A 1 43 ? -1.593  12.631  -2.157  1.00 97.37  ? 1043 GLU A CA  1 
ATOM 322 C C   . GLU A 1 43 ? -0.648  11.420  -2.046  1.00 91.40  ? 1043 GLU A C   1 
ATOM 323 O O   . GLU A 1 43 ? 0.168   11.157  -2.950  1.00 85.30  ? 1043 GLU A O   1 
ATOM 324 C CB  . GLU A 1 43 ? -2.979  12.215  -2.687  1.00 82.31  ? 1043 GLU A CB  1 
ATOM 325 C CG  . GLU A 1 43 ? -4.105  13.216  -2.370  1.00 91.05  ? 1043 GLU A CG  1 
ATOM 326 C CD  . GLU A 1 43 ? -5.343  12.547  -1.779  1.00 91.08  ? 1043 GLU A CD  1 
ATOM 327 O OE1 . GLU A 1 43 ? -5.337  12.245  -0.567  1.00 102.14 ? 1043 GLU A OE1 1 
ATOM 328 O OE2 . GLU A 1 43 ? -6.337  12.370  -2.515  1.00 81.46  ? 1043 GLU A OE2 1 
ATOM 329 N N   . LYS A 1 44 ? -0.721  10.723  -0.912  1.00 92.72  ? 1044 LYS A N   1 
ATOM 330 C CA  . LYS A 1 44 ? 0.084   9.520   -0.688  1.00 84.39  ? 1044 LYS A CA  1 
ATOM 331 C C   . LYS A 1 44 ? -0.407  8.387   -1.595  1.00 63.18  ? 1044 LYS A C   1 
ATOM 332 O O   . LYS A 1 44 ? -1.609  8.200   -1.778  1.00 56.55  ? 1044 LYS A O   1 
ATOM 333 C CB  . LYS A 1 44 ? -0.002  9.076   0.776   1.00 87.15  ? 1044 LYS A CB  1 
ATOM 334 C CG  . LYS A 1 44 ? 0.626   10.039  1.760   1.00 106.58 ? 1044 LYS A CG  1 
ATOM 335 C CD  . LYS A 1 44 ? -0.142  10.083  3.072   1.00 110.57 ? 1044 LYS A CD  1 
ATOM 336 C CE  . LYS A 1 44 ? -0.105  8.737   3.791   1.00 97.32  ? 1044 LYS A CE  1 
ATOM 337 N NZ  . LYS A 1 44 ? -0.134  8.888   5.279   1.00 110.49 ? 1044 LYS A NZ  1 
ATOM 338 N N   . ASP A 1 45 ? 0.538   7.628   -2.133  1.00 57.96  ? 1045 ASP A N   1 
ATOM 339 C CA  . ASP A 1 45 ? 0.229   6.513   -3.012  1.00 45.04  ? 1045 ASP A CA  1 
ATOM 340 C C   . ASP A 1 45 ? 0.946   5.247   -2.546  1.00 41.72  ? 1045 ASP A C   1 
ATOM 341 O O   . ASP A 1 45 ? 1.112   4.303   -3.316  1.00 37.89  ? 1045 ASP A O   1 
ATOM 342 C CB  . ASP A 1 45 ? 0.650   6.844   -4.445  1.00 46.68  ? 1045 ASP A CB  1 
ATOM 343 C CG  . ASP A 1 45 ? 2.161   7.063   -4.579  1.00 59.29  ? 1045 ASP A CG  1 
ATOM 344 O OD1 . ASP A 1 45 ? 2.603   7.495   -5.661  1.00 63.25  ? 1045 ASP A OD1 1 
ATOM 345 O OD2 . ASP A 1 45 ? 2.910   6.783   -3.622  1.00 65.60  ? 1045 ASP A OD2 1 
ATOM 346 N N   . SER A 1 46 ? 1.429   5.259   -1.310  1.00 46.60  ? 1046 SER A N   1 
ATOM 347 C CA  . SER A 1 46 ? 2.126   4.102   -0.766  1.00 42.62  ? 1046 SER A CA  1 
ATOM 348 C C   . SER A 1 46 ? 1.889   3.944   0.728   1.00 42.33  ? 1046 SER A C   1 
ATOM 349 O O   . SER A 1 46 ? 1.464   4.885   1.406   1.00 49.99  ? 1046 SER A O   1 
ATOM 350 C CB  . SER A 1 46 ? 3.638   4.163   -1.071  1.00 52.11  ? 1046 SER A CB  1 
ATOM 351 O OG  . SER A 1 46 ? 4.225   5.370   -0.620  1.00 67.75  ? 1046 SER A OG  1 
ATOM 352 N N   . VAL A 1 47 ? 2.138   2.732   1.225   1.00 36.96  ? 1047 VAL A N   1 
ATOM 353 C CA  . VAL A 1 47 ? 2.002   2.426   2.639   1.00 37.21  ? 1047 VAL A CA  1 
ATOM 354 C C   . VAL A 1 47 ? 3.331   1.867   3.149   1.00 41.46  ? 1047 VAL A C   1 
ATOM 355 O O   . VAL A 1 47 ? 4.193   1.468   2.363   1.00 41.05  ? 1047 VAL A O   1 
ATOM 356 C CB  . VAL A 1 47 ? 0.864   1.387   2.898   1.00 36.46  ? 1047 VAL A CB  1 
ATOM 357 C CG1 . VAL A 1 47 ? -0.509  2.046   2.778   1.00 39.41  ? 1047 VAL A CG1 1 
ATOM 358 C CG2 . VAL A 1 47 ? 0.986   0.218   1.956   1.00 31.10  ? 1047 VAL A CG2 1 
ATOM 359 N N   . ILE A 1 48 ? 3.494   1.842   4.465   1.00 49.16  ? 1048 ILE A N   1 
ATOM 360 C CA  . ILE A 1 48 ? 4.709   1.307   5.063   1.00 51.19  ? 1048 ILE A CA  1 
ATOM 361 C C   . ILE A 1 48 ? 4.382   0.386   6.230   1.00 50.45  ? 1048 ILE A C   1 
ATOM 362 O O   . ILE A 1 48 ? 3.430   0.624   6.972   1.00 56.35  ? 1048 ILE A O   1 
ATOM 363 C CB  . ILE A 1 48 ? 5.684   2.415   5.513   1.00 66.24  ? 1048 ILE A CB  1 
ATOM 364 C CG1 . ILE A 1 48 ? 6.940   1.798   6.118   1.00 69.08  ? 1048 ILE A CG1 1 
ATOM 365 C CG2 . ILE A 1 48 ? 4.998   3.378   6.486   1.00 75.82  ? 1048 ILE A CG2 1 
ATOM 366 C CD1 . ILE A 1 48 ? 8.120   2.724   6.121   1.00 83.99  ? 1048 ILE A CD1 1 
ATOM 367 N N   . CYS A 1 49 ? 5.133   -0.706  6.339   1.00 48.26  ? 1049 CYS A N   1 
ATOM 368 C CA  . CYS A 1 49 ? 4.918   -1.670  7.407   1.00 50.17  ? 1049 CYS A CA  1 
ATOM 369 C C   . CYS A 1 49 ? 5.596   -1.205  8.677   1.00 57.71  ? 1049 CYS A C   1 
ATOM 370 O O   . CYS A 1 49 ? 6.831   -1.172  8.768   1.00 58.71  ? 1049 CYS A O   1 
ATOM 371 C CB  . CYS A 1 49 ? 5.445   -3.046  7.009   1.00 46.22  ? 1049 CYS A CB  1 
ATOM 372 S SG  . CYS A 1 49 ? 5.271   -4.306  8.312   1.00 50.75  ? 1049 CYS A SG  1 
ATOM 373 N N   . LEU A 1 50 ? 4.782   -0.833  9.661   1.00 66.31  ? 1050 LEU A N   1 
ATOM 374 C CA  . LEU A 1 50 ? 5.302   -0.365  10.943  1.00 74.60  ? 1050 LEU A CA  1 
ATOM 375 C C   . LEU A 1 50 ? 5.246   -1.429  12.035  1.00 76.97  ? 1050 LEU A C   1 
ATOM 376 O O   . LEU A 1 50 ? 4.759   -2.542  11.821  1.00 73.96  ? 1050 LEU A O   1 
ATOM 377 C CB  . LEU A 1 50 ? 4.568   0.895   11.419  1.00 86.64  ? 1050 LEU A CB  1 
ATOM 378 C CG  . LEU A 1 50 ? 3.742   1.705   10.423  1.00 88.48  ? 1050 LEU A CG  1 
ATOM 379 C CD1 . LEU A 1 50 ? 2.366   2.012   11.002  1.00 99.89  ? 1050 LEU A CD1 1 
ATOM 380 C CD2 . LEU A 1 50 ? 4.466   2.994   10.048  1.00 93.16  ? 1050 LEU A CD2 1 
ATOM 381 N N   . LYS A 1 51 ? 5.704   -1.043  13.224  1.00 85.89  ? 1051 LYS A N   1 
ATOM 382 C CA  . LYS A 1 51 ? 5.754   -1.917  14.391  1.00 92.25  ? 1051 LYS A CA  1 
ATOM 383 C C   . LYS A 1 51 ? 4.393   -2.500  14.762  1.00 99.56  ? 1051 LYS A C   1 
ATOM 384 O O   . LYS A 1 51 ? 3.364   -1.838  14.621  1.00 105.91 ? 1051 LYS A O   1 
ATOM 385 C CB  . LYS A 1 51 ? 6.348   -1.163  15.582  1.00 99.19  ? 1051 LYS A CB  1 
ATOM 386 C CG  . LYS A 1 51 ? 7.680   -0.484  15.283  1.00 98.05  ? 1051 LYS A CG  1 
ATOM 387 C CD  . LYS A 1 51 ? 8.857   -1.336  15.757  1.00 99.95  ? 1051 LYS A CD  1 
ATOM 388 C CE  . LYS A 1 51 ? 10.017  -0.472  16.230  1.00 106.98 ? 1051 LYS A CE  1 
ATOM 389 N NZ  . LYS A 1 51 ? 11.236  -0.681  15.400  1.00 105.75 ? 1051 LYS A NZ  1 
ATOM 390 N N   . GLY A 1 52 ? 4.397   -3.743  15.242  1.00 101.97 ? 1052 GLY A N   1 
ATOM 391 C CA  . GLY A 1 52 ? 3.170   -4.437  15.639  1.00 114.13 ? 1052 GLY A CA  1 
ATOM 392 C C   . GLY A 1 52 ? 2.493   -5.176  14.478  1.00 112.06 ? 1052 GLY A C   1 
ATOM 393 O O   . GLY A 1 52 ? 1.401   -5.730  14.627  1.00 122.84 ? 1052 GLY A O   1 
ATOM 394 N N   . SER A 1 53 ? 3.162   -5.205  13.332  1.00 98.32  ? 1053 SER A N   1 
ATOM 395 C CA  . SER A 1 53 ? 2.609   -5.820  12.126  1.00 93.45  ? 1053 SER A CA  1 
ATOM 396 C C   . SER A 1 53 ? 1.397   -5.021  11.654  1.00 98.94  ? 1053 SER A C   1 
ATOM 397 O O   . SER A 1 53 ? 0.341   -5.580  11.372  1.00 107.61 ? 1053 SER A O   1 
ATOM 398 C CB  . SER A 1 53 ? 2.214   -7.277  12.407  1.00 103.07 ? 1053 SER A CB  1 
ATOM 399 O OG  . SER A 1 53 ? 1.272   -7.747  11.457  1.00 105.95 ? 1053 SER A OG  1 
ATOM 400 N N   . GLN A 1 54 ? 1.567   -3.708  11.582  1.00 94.65  ? 1054 GLN A N   1 
ATOM 401 C CA  . GLN A 1 54 ? 0.485   -2.798  11.214  1.00 102.03 ? 1054 GLN A CA  1 
ATOM 402 C C   . GLN A 1 54 ? 0.930   -1.902  10.060  1.00 88.86  ? 1054 GLN A C   1 
ATOM 403 O O   . GLN A 1 54 ? 2.032   -1.360  10.082  1.00 81.15  ? 1054 GLN A O   1 
ATOM 404 C CB  . GLN A 1 54 ? 0.126   -1.926  12.427  1.00 115.40 ? 1054 GLN A CB  1 
ATOM 405 C CG  . GLN A 1 54 ? -1.315  -1.436  12.474  1.00 129.34 ? 1054 GLN A CG  1 
ATOM 406 C CD  . GLN A 1 54 ? -1.537  -0.423  13.586  1.00 139.68 ? 1054 GLN A CD  1 
ATOM 407 O OE1 . GLN A 1 54 ? -2.615  0.158   13.707  1.00 148.57 ? 1054 GLN A OE1 1 
ATOM 408 N NE2 . GLN A 1 54 ? -0.503  -0.193  14.391  1.00 136.21 ? 1054 GLN A NE2 1 
ATOM 409 N N   . TRP A 1 55 ? 0.071   -1.747  9.056   1.00 86.91  ? 1055 TRP A N   1 
ATOM 410 C CA  . TRP A 1 55 ? 0.383   -0.877  7.916   1.00 73.86  ? 1055 TRP A CA  1 
ATOM 411 C C   . TRP A 1 55 ? -0.019  0.563   8.224   1.00 82.91  ? 1055 TRP A C   1 
ATOM 412 O O   . TRP A 1 55 ? -1.005  0.804   8.920   1.00 98.20  ? 1055 TRP A O   1 
ATOM 413 C CB  . TRP A 1 55 ? -0.369  -1.338  6.661   1.00 69.05  ? 1055 TRP A CB  1 
ATOM 414 C CG  . TRP A 1 55 ? 0.130   -2.621  6.076   1.00 62.80  ? 1055 TRP A CG  1 
ATOM 415 C CD1 . TRP A 1 55 ? -0.472  -3.848  6.154   1.00 70.94  ? 1055 TRP A CD1 1 
ATOM 416 C CD2 . TRP A 1 55 ? 1.279   -2.792  5.237   1.00 49.53  ? 1055 TRP A CD2 1 
ATOM 417 N NE1 . TRP A 1 55 ? 0.251   -4.772  5.450   1.00 65.72  ? 1055 TRP A NE1 1 
ATOM 418 C CE2 . TRP A 1 55 ? 1.324   -4.149  4.864   1.00 53.30  ? 1055 TRP A CE2 1 
ATOM 419 C CE3 . TRP A 1 55 ? 2.289   -1.935  4.789   1.00 40.47  ? 1055 TRP A CE3 1 
ATOM 420 C CZ2 . TRP A 1 55 ? 2.349   -4.674  4.084   1.00 46.37  ? 1055 TRP A CZ2 1 
ATOM 421 C CZ3 . TRP A 1 55 ? 3.305   -2.458  4.014   1.00 37.36  ? 1055 TRP A CZ3 1 
ATOM 422 C CH2 . TRP A 1 55 ? 3.332   -3.813  3.671   1.00 39.44  ? 1055 TRP A CH2 1 
ATOM 423 N N   . SER A 1 56 ? 0.703   1.518   7.650   1.00 76.56  ? 1056 SER A N   1 
ATOM 424 C CA  . SER A 1 56 ? 0.318   2.913   7.791   1.00 85.55  ? 1056 SER A CA  1 
ATOM 425 C C   . SER A 1 56 ? -0.973  3.143   7.010   1.00 84.17  ? 1056 SER A C   1 
ATOM 426 O O   . SER A 1 56 ? -1.320  2.357   6.125   1.00 72.69  ? 1056 SER A O   1 
ATOM 427 C CB  . SER A 1 56 ? 1.432   3.852   7.302   1.00 82.75  ? 1056 SER A CB  1 
ATOM 428 O OG  . SER A 1 56 ? 1.715   3.647   5.931   1.00 66.43  ? 1056 SER A OG  1 
ATOM 429 N N   . ASP A 1 57 ? -1.711  4.184   7.378   1.00 96.87  ? 1057 ASP A N   1 
ATOM 430 C CA  . ASP A 1 57 ? -2.981  4.479   6.734   1.00 96.21  ? 1057 ASP A CA  1 
ATOM 431 C C   . ASP A 1 57 ? -2.784  5.062   5.346   1.00 80.47  ? 1057 ASP A C   1 
ATOM 432 O O   . ASP A 1 57 ? -1.773  5.700   5.065   1.00 78.88  ? 1057 ASP A O   1 
ATOM 433 C CB  . ASP A 1 57 ? -3.814  5.442   7.589   1.00 113.87 ? 1057 ASP A CB  1 
ATOM 434 C CG  . ASP A 1 57 ? -4.361  4.787   8.851   1.00 128.11 ? 1057 ASP A CG  1 
ATOM 435 O OD1 . ASP A 1 57 ? -5.173  3.840   8.739   1.00 130.49 ? 1057 ASP A OD1 1 
ATOM 436 O OD2 . ASP A 1 57 ? -3.990  5.236   9.958   1.00 138.40 ? 1057 ASP A OD2 1 
ATOM 437 N N   . ILE A 1 58 ? -3.768  4.842   4.486   1.00 75.53  ? 1058 ILE A N   1 
ATOM 438 C CA  . ILE A 1 58 ? -3.763  5.384   3.142   1.00 66.65  ? 1058 ILE A CA  1 
ATOM 439 C C   . ILE A 1 58 ? -5.197  5.630   2.709   1.00 71.84  ? 1058 ILE A C   1 
ATOM 440 O O   . ILE A 1 58 ? -6.082  4.821   2.973   1.00 79.01  ? 1058 ILE A O   1 
ATOM 441 C CB  . ILE A 1 58 ? -3.084  4.435   2.135   1.00 51.28  ? 1058 ILE A CB  1 
ATOM 442 C CG1 . ILE A 1 58 ? -2.985  5.106   0.761   1.00 45.28  ? 1058 ILE A CG1 1 
ATOM 443 C CG2 . ILE A 1 58 ? -3.831  3.105   2.060   1.00 49.97  ? 1058 ILE A CG2 1 
ATOM 444 C CD1 . ILE A 1 58 ? -2.176  4.327   -0.240  1.00 36.46  ? 1058 ILE A CD1 1 
ATOM 445 N N   . GLU A 1 59 ? -5.433  6.782   2.099   1.00 74.91  ? 1059 GLU A N   1 
ATOM 446 C CA  . GLU A 1 59 ? -6.768  7.140   1.648   1.00 84.93  ? 1059 GLU A CA  1 
ATOM 447 C C   . GLU A 1 59 ? -6.834  7.053   0.132   1.00 74.07  ? 1059 GLU A C   1 
ATOM 448 O O   . GLU A 1 59 ? -5.806  7.114   -0.542  1.00 63.10  ? 1059 GLU A O   1 
ATOM 449 C CB  . GLU A 1 59 ? -7.126  8.560   2.112   1.00 99.80  ? 1059 GLU A CB  1 
ATOM 450 C CG  . GLU A 1 59 ? -7.639  8.636   3.548   1.00 114.54 ? 1059 GLU A CG  1 
ATOM 451 C CD  . GLU A 1 59 ? -6.523  8.546   4.582   1.00 112.93 ? 1059 GLU A CD  1 
ATOM 452 O OE1 . GLU A 1 59 ? -5.411  9.054   4.311   1.00 110.98 ? 1059 GLU A OE1 1 
ATOM 453 O OE2 . GLU A 1 59 ? -6.763  7.975   5.672   1.00 120.93 ? 1059 GLU A OE2 1 
ATOM 454 N N   . GLU A 1 60 ? -8.040  6.871   -0.397  1.00 80.68  ? 1060 GLU A N   1 
ATOM 455 C CA  . GLU A 1 60 ? -8.232  6.831   -1.839  1.00 74.75  ? 1060 GLU A CA  1 
ATOM 456 C C   . GLU A 1 60 ? -7.523  8.044   -2.432  1.00 64.68  ? 1060 GLU A C   1 
ATOM 457 O O   . GLU A 1 60 ? -7.638  9.153   -1.910  1.00 73.31  ? 1060 GLU A O   1 
ATOM 458 C CB  . GLU A 1 60 ? -9.726  6.867   -2.177  1.00 87.79  ? 1060 GLU A CB  1 
ATOM 459 C CG  . GLU A 1 60 ? -10.568 5.883   -1.369  1.00 104.55 ? 1060 GLU A CG  1 
ATOM 460 C CD  . GLU A 1 60 ? -12.061 6.047   -1.611  1.00 121.34 ? 1060 GLU A CD  1 
ATOM 461 O OE1 . GLU A 1 60 ? -12.565 5.508   -2.615  1.00 125.31 ? 1060 GLU A OE1 1 
ATOM 462 O OE2 . GLU A 1 60 ? -12.733 6.697   -0.784  1.00 130.89 ? 1060 GLU A OE2 1 
ATOM 463 N N   . PHE A 1 61 ? -6.720  7.816   -3.461  1.00 51.83  ? 1061 PHE A N   1 
ATOM 464 C CA  . PHE A 1 61 ? -5.938  8.889   -4.059  1.00 44.27  ? 1061 PHE A CA  1 
ATOM 465 C C   . PHE A 1 61 ? -6.113  8.937   -5.568  1.00 35.96  ? 1061 PHE A C   1 
ATOM 466 O O   . PHE A 1 61 ? -5.359  9.614   -6.258  1.00 28.92  ? 1061 PHE A O   1 
ATOM 467 C CB  . PHE A 1 61 ? -4.451  8.728   -3.704  1.00 44.94  ? 1061 PHE A CB  1 
ATOM 468 C CG  . PHE A 1 61 ? -3.838  7.452   -4.217  1.00 36.24  ? 1061 PHE A CG  1 
ATOM 469 C CD1 . PHE A 1 61 ? -4.084  6.247   -3.579  1.00 37.13  ? 1061 PHE A CD1 1 
ATOM 470 C CD2 . PHE A 1 61 ? -3.063  7.450   -5.363  1.00 31.93  ? 1061 PHE A CD2 1 
ATOM 471 C CE1 . PHE A 1 61 ? -3.550  5.066   -4.065  1.00 36.36  ? 1061 PHE A CE1 1 
ATOM 472 C CE2 . PHE A 1 61 ? -2.526  6.272   -5.851  1.00 34.28  ? 1061 PHE A CE2 1 
ATOM 473 C CZ  . PHE A 1 61 ? -2.770  5.083   -5.199  1.00 34.98  ? 1061 PHE A CZ  1 
ATOM 474 N N   . CYS A 1 62 ? -7.116  8.222   -6.075  1.00 41.61  ? 1062 CYS A N   1 
ATOM 475 C CA  . CYS A 1 62 ? -7.378  8.164   -7.516  1.00 39.90  ? 1062 CYS A CA  1 
ATOM 476 C C   . CYS A 1 62 ? -8.734  8.752   -7.921  1.00 45.02  ? 1062 CYS A C   1 
ATOM 477 O O   . CYS A 1 62 ? -9.736  8.545   -7.238  1.00 56.45  ? 1062 CYS A O   1 
ATOM 478 C CB  . CYS A 1 62 ? -7.283  6.716   -8.025  1.00 49.60  ? 1062 CYS A CB  1 
ATOM 479 S SG  . CYS A 1 62 ? -5.741  5.826   -7.625  1.00 48.26  ? 1062 CYS A SG  1 
# 
